data_8W69
#
_entry.id   8W69
#
_cell.length_a   1.00
_cell.length_b   1.00
_cell.length_c   1.00
_cell.angle_alpha   90.00
_cell.angle_beta   90.00
_cell.angle_gamma   90.00
#
_symmetry.space_group_name_H-M   'P 1'
#
loop_
_entity.id
_entity.type
_entity.pdbx_description
1 polymer 'peptidase Do'
2 polymer 'Casein fragment'
3 polymer 'Casein fragment'
#
loop_
_entity_poly.entity_id
_entity_poly.type
_entity_poly.pdbx_seq_one_letter_code
_entity_poly.pdbx_strand_id
1 'polypeptide(L)'
;MKKQTQLLSALALSVGLTLSASFQAVASIPGQVADQAPLPSLAPMLEKVLPAVVSVRVEGTASQGQKIPEEFKKFFGDDL
PDQPAQPFEGLGSGVIINASKGYVLTNNHVINQAQKISIQLNDGREFDAKLIGSDDQSDIALLQIQNPSKLTQIAIADSD
KLRVGDFAVAVGNPFGLGQTATSGIVSALGRSGLNLEGLENFIQTDASINRGNAGGALLNLNGELIGINTAILAPGGGSV
GIGFAIPSNMARTLAQQLIDFGEIKRGLLGIKGTEMSADIAKAFNLDVQRGAFVSEVLPGSGSAKAGVKAGDIITSLNGK
PLNSFAELRSRIATTEPGTKVKLGLLRNGKPLEVEVTLDTSTSSSASAEMITPALEGATLSDGQLKDGGKGIKIDEVVKG
SPAAQAGLQKDDVIIGVNRDRVNSIAEMRKVLAAKPAIIALQIVRGNESIYLLMRLWHHHHHH
;
A,C,B,D,F,E
2 'polypeptide(L)' (UNK)(UNK)(UNK)(UNK)(UNK)(UNK)(UNK)(UNK)(UNK) G
3 'polypeptide(L)' (UNK)(UNK)(UNK)(UNK)(UNK)(UNK)(UNK) H,I
#
# COMPACT_ATOMS: atom_id res chain seq x y z
N PRO A 38 -8.32 23.63 16.22
CA PRO A 38 -6.94 23.97 16.60
C PRO A 38 -5.92 23.00 16.02
N LEU A 39 -6.26 21.72 15.97
CA LEU A 39 -5.37 20.73 15.41
C LEU A 39 -5.29 20.87 13.89
N PRO A 40 -4.12 20.60 13.31
CA PRO A 40 -4.01 20.65 11.84
C PRO A 40 -4.73 19.45 11.21
N SER A 41 -5.56 19.73 10.21
CA SER A 41 -6.32 18.68 9.56
C SER A 41 -6.77 19.15 8.19
N LEU A 42 -7.13 18.19 7.34
CA LEU A 42 -7.65 18.47 6.02
C LEU A 42 -9.16 18.64 6.00
N ALA A 43 -9.82 18.48 7.15
CA ALA A 43 -11.29 18.58 7.20
C ALA A 43 -11.82 19.93 6.74
N PRO A 44 -11.27 21.08 7.17
CA PRO A 44 -11.82 22.35 6.68
C PRO A 44 -11.75 22.50 5.17
N MET A 45 -10.70 21.98 4.53
CA MET A 45 -10.59 22.10 3.07
C MET A 45 -11.54 21.14 2.37
N LEU A 46 -11.76 19.94 2.91
CA LEU A 46 -12.62 18.95 2.29
C LEU A 46 -14.10 19.19 2.54
N GLU A 47 -14.45 20.15 3.41
CA GLU A 47 -15.87 20.44 3.64
C GLU A 47 -16.53 21.03 2.40
N LYS A 48 -15.82 21.92 1.70
CA LYS A 48 -16.36 22.63 0.54
C LYS A 48 -15.98 21.98 -0.78
N VAL A 49 -15.32 20.83 -0.76
CA VAL A 49 -14.81 20.19 -1.97
C VAL A 49 -15.44 18.83 -2.21
N LEU A 50 -15.61 18.03 -1.15
CA LEU A 50 -16.13 16.68 -1.30
C LEU A 50 -17.45 16.58 -2.05
N PRO A 51 -18.45 17.44 -1.83
CA PRO A 51 -19.69 17.31 -2.61
C PRO A 51 -19.51 17.51 -4.11
N ALA A 52 -18.44 18.21 -4.53
CA ALA A 52 -18.24 18.43 -5.96
C ALA A 52 -17.99 17.13 -6.71
N VAL A 53 -17.16 16.25 -6.15
CA VAL A 53 -16.83 14.99 -6.79
C VAL A 53 -18.01 14.04 -6.65
N VAL A 54 -18.43 13.44 -7.77
CA VAL A 54 -19.55 12.51 -7.80
C VAL A 54 -19.08 11.19 -8.38
N SER A 55 -19.90 10.16 -8.22
CA SER A 55 -19.62 8.85 -8.78
C SER A 55 -20.29 8.71 -10.14
N VAL A 56 -20.07 7.56 -10.77
CA VAL A 56 -20.66 7.25 -12.08
C VAL A 56 -20.97 5.76 -12.11
N ARG A 57 -22.18 5.41 -12.51
CA ARG A 57 -22.62 4.02 -12.61
C ARG A 57 -22.93 3.73 -14.07
N VAL A 58 -22.13 2.85 -14.67
CA VAL A 58 -22.19 2.58 -16.11
C VAL A 58 -22.88 1.26 -16.34
N GLU A 59 -23.93 1.28 -17.16
CA GLU A 59 -24.64 0.08 -17.58
C GLU A 59 -24.61 0.02 -19.10
N GLY A 60 -24.13 -1.09 -19.63
CA GLY A 60 -24.00 -1.24 -21.06
C GLY A 60 -23.96 -2.69 -21.49
N THR A 61 -23.16 -2.96 -22.51
CA THR A 61 -23.04 -4.31 -23.05
C THR A 61 -21.60 -4.62 -23.44
N GLN A 86 -23.55 -9.28 -23.32
CA GLN A 86 -23.90 -9.40 -21.91
C GLN A 86 -23.85 -8.03 -21.23
N PRO A 87 -24.82 -7.76 -20.37
CA PRO A 87 -24.81 -6.49 -19.63
C PRO A 87 -23.56 -6.36 -18.76
N PHE A 88 -23.03 -5.14 -18.71
CA PHE A 88 -21.85 -4.83 -17.92
C PHE A 88 -22.16 -3.69 -16.95
N GLU A 89 -21.77 -3.87 -15.70
CA GLU A 89 -22.02 -2.89 -14.64
C GLU A 89 -20.69 -2.48 -14.03
N GLY A 90 -20.05 -1.48 -14.61
CA GLY A 90 -18.86 -0.88 -14.04
C GLY A 90 -19.20 0.40 -13.29
N LEU A 91 -18.16 1.01 -12.71
CA LEU A 91 -18.35 2.24 -11.98
C LEU A 91 -17.03 3.01 -11.91
N GLY A 92 -17.14 4.31 -11.70
CA GLY A 92 -15.99 5.17 -11.60
C GLY A 92 -16.31 6.42 -10.81
N SER A 93 -15.70 7.54 -11.18
CA SER A 93 -15.98 8.82 -10.54
C SER A 93 -15.87 9.94 -11.57
N GLY A 94 -16.25 11.14 -11.14
CA GLY A 94 -16.20 12.29 -12.01
C GLY A 94 -16.17 13.56 -11.21
N VAL A 95 -15.87 14.66 -11.90
CA VAL A 95 -15.79 15.98 -11.29
C VAL A 95 -16.73 16.92 -12.04
N ILE A 96 -17.50 17.70 -11.28
CA ILE A 96 -18.37 18.70 -11.88
C ILE A 96 -17.55 19.96 -12.16
N ILE A 97 -17.43 20.33 -13.43
CA ILE A 97 -16.61 21.46 -13.82
C ILE A 97 -17.47 22.71 -13.93
N ASN A 98 -18.69 22.54 -14.47
CA ASN A 98 -19.63 23.65 -14.59
C ASN A 98 -20.90 23.28 -13.84
N ALA A 99 -21.29 24.14 -12.89
CA ALA A 99 -22.45 23.87 -12.06
C ALA A 99 -23.74 24.43 -12.63
N SER A 100 -23.66 25.51 -13.41
CA SER A 100 -24.87 26.13 -13.95
C SER A 100 -25.60 25.19 -14.89
N LYS A 101 -24.86 24.50 -15.75
CA LYS A 101 -25.44 23.56 -16.70
C LYS A 101 -25.13 22.10 -16.36
N GLY A 102 -24.40 21.86 -15.27
CA GLY A 102 -24.17 20.51 -14.79
C GLY A 102 -23.35 19.60 -15.68
N TYR A 103 -22.24 20.11 -16.22
CA TYR A 103 -21.31 19.25 -16.94
C TYR A 103 -20.40 18.54 -15.95
N VAL A 104 -20.20 17.24 -16.16
CA VAL A 104 -19.30 16.44 -15.36
C VAL A 104 -18.18 15.93 -16.24
N LEU A 105 -17.00 15.75 -15.66
CA LEU A 105 -15.82 15.30 -16.38
C LEU A 105 -15.42 13.94 -15.84
N THR A 106 -15.31 12.95 -16.73
CA THR A 106 -15.01 11.58 -16.34
C THR A 106 -13.95 11.03 -17.27
N ASN A 107 -13.64 9.75 -17.09
CA ASN A 107 -12.67 9.05 -17.91
C ASN A 107 -13.40 8.27 -19.00
N ASN A 108 -12.84 8.32 -20.22
CA ASN A 108 -13.47 7.64 -21.35
C ASN A 108 -13.39 6.13 -21.23
N HIS A 109 -12.64 5.61 -20.26
CA HIS A 109 -12.49 4.17 -20.09
C HIS A 109 -13.84 3.51 -19.82
N VAL A 110 -14.66 4.11 -18.96
CA VAL A 110 -15.89 3.46 -18.52
C VAL A 110 -17.05 3.78 -19.46
N ILE A 111 -17.02 4.96 -20.09
CA ILE A 111 -18.16 5.40 -20.89
C ILE A 111 -18.21 4.68 -22.24
N ASN A 112 -17.13 4.00 -22.62
CA ASN A 112 -17.00 3.51 -24.00
C ASN A 112 -18.09 2.51 -24.38
N GLN A 113 -18.45 1.62 -23.46
CA GLN A 113 -19.52 0.64 -23.68
C GLN A 113 -20.72 0.89 -22.78
N ALA A 114 -21.15 2.14 -22.69
CA ALA A 114 -22.26 2.51 -21.81
C ALA A 114 -23.52 2.80 -22.62
N GLN A 115 -24.64 2.27 -22.13
CA GLN A 115 -25.97 2.58 -22.68
C GLN A 115 -26.71 3.62 -21.84
N LYS A 116 -26.84 3.38 -20.54
CA LYS A 116 -27.40 4.36 -19.62
C LYS A 116 -26.37 4.62 -18.53
N ILE A 117 -26.16 5.90 -18.21
CA ILE A 117 -25.16 6.31 -17.24
C ILE A 117 -25.87 7.02 -16.09
N SER A 118 -25.60 6.58 -14.87
CA SER A 118 -26.22 7.13 -13.68
C SER A 118 -25.16 7.80 -12.80
N ILE A 119 -25.55 8.90 -12.17
CA ILE A 119 -24.66 9.70 -11.33
C ILE A 119 -25.23 9.71 -9.91
N GLN A 120 -24.38 9.41 -8.94
CA GLN A 120 -24.75 9.48 -7.53
C GLN A 120 -24.02 10.64 -6.89
N LEU A 121 -24.76 11.56 -6.28
CA LEU A 121 -24.17 12.70 -5.60
C LEU A 121 -23.59 12.25 -4.26
N ASN A 122 -23.10 13.22 -3.47
CA ASN A 122 -22.57 12.89 -2.16
C ASN A 122 -23.67 12.61 -1.15
N ASP A 123 -24.83 13.26 -1.29
CA ASP A 123 -25.93 13.10 -0.36
C ASP A 123 -26.89 11.98 -0.75
N GLY A 124 -26.59 11.24 -1.82
CA GLY A 124 -27.44 10.15 -2.25
C GLY A 124 -28.34 10.46 -3.42
N ARG A 125 -28.48 11.74 -3.79
CA ARG A 125 -29.32 12.11 -4.92
C ARG A 125 -28.79 11.47 -6.20
N GLU A 126 -29.72 11.03 -7.05
CA GLU A 126 -29.37 10.35 -8.29
C GLU A 126 -29.92 11.13 -9.48
N PHE A 127 -29.21 11.04 -10.60
CA PHE A 127 -29.58 11.73 -11.83
C PHE A 127 -29.33 10.81 -13.02
N ASP A 128 -29.43 11.39 -14.20
CA ASP A 128 -29.14 10.70 -15.46
C ASP A 128 -28.17 11.53 -16.28
N ALA A 129 -27.36 10.86 -17.08
CA ALA A 129 -26.30 11.50 -17.85
C ALA A 129 -26.36 11.10 -19.31
N LYS A 130 -26.14 12.08 -20.18
CA LYS A 130 -26.00 11.86 -21.62
C LYS A 130 -24.62 12.35 -22.04
N LEU A 131 -23.88 11.51 -22.76
CA LEU A 131 -22.52 11.86 -23.14
C LEU A 131 -22.54 12.90 -24.25
N ILE A 132 -21.68 13.91 -24.12
CA ILE A 132 -21.56 14.95 -25.13
C ILE A 132 -20.52 14.60 -26.19
N GLY A 133 -19.36 14.12 -25.75
CA GLY A 133 -18.30 13.77 -26.67
C GLY A 133 -17.34 12.80 -26.04
N SER A 134 -16.21 12.60 -26.71
CA SER A 134 -15.19 11.69 -26.23
C SER A 134 -13.86 12.00 -26.90
N ASP A 135 -12.79 11.50 -26.29
CA ASP A 135 -11.44 11.60 -26.86
C ASP A 135 -10.78 10.24 -26.61
N ASP A 136 -10.70 9.43 -27.65
CA ASP A 136 -10.13 8.09 -27.50
C ASP A 136 -8.64 8.16 -27.20
N GLN A 137 -7.92 9.07 -27.86
CA GLN A 137 -6.47 9.13 -27.70
C GLN A 137 -6.07 9.48 -26.28
N SER A 138 -6.72 10.48 -25.69
CA SER A 138 -6.37 10.96 -24.36
C SER A 138 -7.21 10.36 -23.25
N ASP A 139 -8.19 9.51 -23.58
CA ASP A 139 -9.05 8.86 -22.60
C ASP A 139 -9.75 9.88 -21.71
N ILE A 140 -10.47 10.81 -22.33
CA ILE A 140 -11.25 11.81 -21.61
C ILE A 140 -12.62 11.90 -22.26
N ALA A 141 -13.67 11.79 -21.44
CA ALA A 141 -15.05 11.91 -21.89
C ALA A 141 -15.79 12.87 -20.99
N LEU A 142 -16.81 13.52 -21.55
CA LEU A 142 -17.58 14.52 -20.83
C LEU A 142 -19.07 14.18 -20.91
N LEU A 143 -19.76 14.35 -19.79
CA LEU A 143 -21.18 14.04 -19.68
C LEU A 143 -21.93 15.24 -19.14
N GLN A 144 -23.24 15.25 -19.37
CA GLN A 144 -24.12 16.31 -18.89
C GLN A 144 -25.18 15.71 -17.98
N ILE A 145 -25.45 16.39 -16.88
CA ILE A 145 -26.44 15.94 -15.90
C ILE A 145 -27.76 16.64 -16.19
N GLN A 146 -28.81 15.85 -16.39
CA GLN A 146 -30.10 16.41 -16.77
C GLN A 146 -30.84 16.94 -15.54
N ASN A 147 -31.59 18.04 -15.75
CA ASN A 147 -32.16 18.94 -14.76
C ASN A 147 -31.26 19.12 -13.54
N PRO A 148 -30.07 19.72 -13.70
CA PRO A 148 -29.20 19.97 -12.55
C PRO A 148 -29.87 20.95 -11.59
N SER A 149 -29.63 20.73 -10.29
CA SER A 149 -30.22 21.56 -9.26
C SER A 149 -29.25 21.71 -8.10
N LYS A 150 -29.02 22.96 -7.70
CA LYS A 150 -28.14 23.35 -6.60
C LYS A 150 -26.88 22.47 -6.55
N LEU A 151 -26.15 22.48 -7.66
CA LEU A 151 -24.91 21.73 -7.78
C LEU A 151 -23.71 22.65 -7.57
N THR A 152 -22.59 22.04 -7.20
CA THR A 152 -21.35 22.76 -6.95
C THR A 152 -20.25 22.28 -7.90
N GLN A 153 -19.36 23.19 -8.25
CA GLN A 153 -18.29 22.91 -9.20
C GLN A 153 -16.94 23.18 -8.58
N ILE A 154 -15.92 22.47 -9.06
CA ILE A 154 -14.58 22.60 -8.54
C ILE A 154 -13.82 23.66 -9.34
N ALA A 155 -12.74 24.17 -8.74
CA ALA A 155 -11.88 25.15 -9.39
C ALA A 155 -10.59 24.46 -9.84
N ILE A 156 -10.22 24.67 -11.10
CA ILE A 156 -9.06 24.03 -11.70
C ILE A 156 -7.88 24.98 -11.66
N ALA A 157 -6.76 24.52 -11.11
CA ALA A 157 -5.53 25.27 -11.07
C ALA A 157 -4.51 24.68 -12.04
N ASP A 158 -3.64 25.56 -12.56
CA ASP A 158 -2.66 25.14 -13.54
C ASP A 158 -1.67 24.14 -12.95
N SER A 159 -1.35 23.10 -13.72
CA SER A 159 -0.41 22.08 -13.29
C SER A 159 1.00 22.32 -13.80
N ASP A 160 1.23 23.42 -14.53
CA ASP A 160 2.57 23.71 -15.05
C ASP A 160 3.51 24.17 -13.96
N LYS A 161 2.99 24.64 -12.82
CA LYS A 161 3.82 25.09 -11.71
C LYS A 161 4.11 23.99 -10.71
N LEU A 162 3.68 22.75 -10.99
CA LEU A 162 3.87 21.66 -10.06
C LEU A 162 5.34 21.25 -9.97
N ARG A 163 5.70 20.68 -8.83
CA ARG A 163 7.06 20.21 -8.57
C ARG A 163 6.97 18.87 -7.85
N VAL A 164 8.06 18.11 -7.92
CA VAL A 164 8.11 16.82 -7.24
C VAL A 164 8.19 17.08 -5.74
N GLY A 165 7.17 16.63 -5.02
CA GLY A 165 7.14 16.81 -3.57
C GLY A 165 5.88 17.46 -3.06
N ASP A 166 5.06 18.00 -3.97
CA ASP A 166 3.80 18.61 -3.56
C ASP A 166 2.82 17.54 -3.07
N PHE A 167 2.10 17.85 -2.00
CA PHE A 167 1.12 16.93 -1.45
C PHE A 167 -0.12 16.88 -2.34
N ALA A 168 -0.80 15.74 -2.30
CA ALA A 168 -1.99 15.53 -3.11
C ALA A 168 -2.96 14.60 -2.39
N VAL A 169 -4.25 14.88 -2.53
CA VAL A 169 -5.31 14.09 -1.93
C VAL A 169 -6.18 13.52 -3.04
N ALA A 170 -6.35 12.20 -3.04
CA ALA A 170 -7.10 11.51 -4.09
C ALA A 170 -8.49 11.16 -3.57
N VAL A 171 -9.52 11.59 -4.29
CA VAL A 171 -10.92 11.34 -3.93
C VAL A 171 -11.55 10.50 -5.03
N GLY A 172 -12.15 9.38 -4.65
CA GLY A 172 -12.77 8.52 -5.62
C GLY A 172 -13.75 7.56 -4.98
N ASN A 173 -14.03 6.46 -5.70
CA ASN A 173 -14.96 5.43 -5.26
C ASN A 173 -14.27 4.08 -5.37
N PRO A 174 -13.41 3.74 -4.41
CA PRO A 174 -12.66 2.48 -4.49
C PRO A 174 -13.51 1.31 -4.06
N PHE A 175 -13.59 0.29 -4.93
CA PHE A 175 -14.31 -0.95 -4.68
C PHE A 175 -15.80 -0.72 -4.44
N GLY A 176 -16.32 0.45 -4.81
CA GLY A 176 -17.73 0.74 -4.65
C GLY A 176 -18.18 1.02 -3.24
N LEU A 177 -17.25 1.25 -2.31
CA LEU A 177 -17.65 1.48 -0.93
C LEU A 177 -18.24 2.87 -0.73
N GLY A 178 -17.89 3.82 -1.57
CA GLY A 178 -18.38 5.18 -1.45
C GLY A 178 -17.27 6.17 -1.70
N GLN A 179 -17.48 7.40 -1.25
CA GLN A 179 -16.49 8.45 -1.45
C GLN A 179 -15.38 8.31 -0.42
N THR A 180 -14.15 8.09 -0.90
CA THR A 180 -13.00 7.86 -0.05
C THR A 180 -11.90 8.84 -0.41
N ALA A 181 -11.34 9.50 0.60
CA ALA A 181 -10.25 10.45 0.41
C ALA A 181 -8.98 9.87 1.02
N THR A 182 -7.92 9.79 0.21
CA THR A 182 -6.63 9.29 0.65
C THR A 182 -5.57 10.34 0.39
N SER A 183 -4.47 10.25 1.13
CA SER A 183 -3.39 11.23 1.07
C SER A 183 -2.20 10.68 0.29
N GLY A 184 -1.33 11.58 -0.12
CA GLY A 184 -0.15 11.18 -0.87
C GLY A 184 0.59 12.40 -1.37
N ILE A 185 1.64 12.14 -2.15
CA ILE A 185 2.45 13.20 -2.75
C ILE A 185 2.60 12.93 -4.24
N VAL A 186 3.11 13.94 -4.95
CA VAL A 186 3.38 13.82 -6.38
C VAL A 186 4.72 13.10 -6.53
N SER A 187 4.68 11.83 -6.90
CA SER A 187 5.89 11.02 -6.94
C SER A 187 6.87 11.52 -8.00
N ALA A 188 6.39 11.70 -9.24
CA ALA A 188 7.24 12.16 -10.32
C ALA A 188 6.36 12.69 -11.44
N LEU A 189 6.75 13.84 -12.00
CA LEU A 189 6.00 14.48 -13.06
C LEU A 189 6.47 13.99 -14.42
N GLY A 190 5.59 14.11 -15.41
CA GLY A 190 5.94 13.84 -16.78
C GLY A 190 6.31 12.40 -17.08
N ARG A 191 5.83 11.46 -16.27
CA ARG A 191 6.10 10.05 -16.56
C ARG A 191 5.37 9.63 -17.82
N SER A 192 6.06 8.87 -18.67
CA SER A 192 5.52 8.50 -19.97
C SER A 192 6.08 7.16 -20.40
N GLY A 193 5.64 6.69 -21.55
CA GLY A 193 6.07 5.40 -22.07
C GLY A 193 5.61 4.21 -21.26
N LEU A 194 4.35 4.20 -20.82
CA LEU A 194 3.79 3.12 -20.03
C LEU A 194 2.84 2.23 -20.81
N ASN A 195 2.76 2.39 -22.13
CA ASN A 195 1.89 1.63 -23.03
C ASN A 195 0.47 1.52 -22.46
N LEU A 196 0.00 2.65 -21.95
CA LEU A 196 -1.34 2.75 -21.36
C LEU A 196 -2.32 3.48 -22.26
N GLU A 197 -1.86 4.45 -23.04
CA GLU A 197 -2.74 5.30 -23.82
C GLU A 197 -2.11 5.59 -25.17
N GLY A 198 -2.85 6.33 -26.00
CA GLY A 198 -2.24 6.88 -27.19
C GLY A 198 -1.23 7.97 -26.87
N LEU A 199 -1.54 8.79 -25.87
CA LEU A 199 -0.72 9.94 -25.50
C LEU A 199 -0.36 9.82 -24.02
N GLU A 200 0.91 10.09 -23.69
CA GLU A 200 1.42 9.94 -22.32
C GLU A 200 1.99 11.25 -21.82
N ASN A 201 1.30 11.86 -20.86
CA ASN A 201 1.86 12.95 -20.04
C ASN A 201 1.42 12.79 -18.60
N PHE A 202 1.48 11.56 -18.10
CA PHE A 202 0.90 11.24 -16.79
C PHE A 202 1.64 11.94 -15.66
N ILE A 203 0.91 12.21 -14.58
CA ILE A 203 1.48 12.63 -13.31
C ILE A 203 1.40 11.45 -12.35
N GLN A 204 2.54 11.04 -11.81
CA GLN A 204 2.60 9.89 -10.93
C GLN A 204 2.51 10.34 -9.48
N THR A 205 1.61 9.72 -8.73
CA THR A 205 1.42 10.02 -7.31
C THR A 205 1.40 8.72 -6.52
N ASP A 206 1.83 8.81 -5.27
CA ASP A 206 1.94 7.64 -4.40
C ASP A 206 0.69 7.39 -3.58
N ALA A 207 -0.35 8.21 -3.75
CA ALA A 207 -1.59 7.99 -3.02
C ALA A 207 -2.23 6.68 -3.45
N SER A 208 -2.95 6.05 -2.51
CA SER A 208 -3.55 4.75 -2.77
C SER A 208 -4.71 4.92 -3.75
N ILE A 209 -4.45 4.59 -5.01
CA ILE A 209 -5.44 4.67 -6.07
C ILE A 209 -5.80 3.23 -6.46
N ASN A 210 -7.04 2.83 -6.18
CA ASN A 210 -7.50 1.47 -6.35
C ASN A 210 -8.49 1.37 -7.50
N ARG A 211 -9.01 0.17 -7.71
CA ARG A 211 -10.03 -0.03 -8.74
C ARG A 211 -11.29 0.75 -8.39
N GLY A 212 -11.90 1.35 -9.40
CA GLY A 212 -13.03 2.24 -9.19
C GLY A 212 -12.67 3.69 -8.98
N ASN A 213 -11.38 4.03 -8.99
CA ASN A 213 -10.94 5.41 -8.83
C ASN A 213 -10.87 6.17 -10.15
N ALA A 214 -11.18 5.52 -11.28
CA ALA A 214 -11.08 6.17 -12.58
C ALA A 214 -11.99 7.40 -12.63
N GLY A 215 -11.46 8.49 -13.18
CA GLY A 215 -12.21 9.72 -13.23
C GLY A 215 -12.27 10.46 -11.92
N GLY A 216 -11.44 10.10 -10.95
CA GLY A 216 -11.44 10.76 -9.66
C GLY A 216 -10.88 12.16 -9.69
N ALA A 217 -10.32 12.62 -8.57
CA ALA A 217 -9.76 13.96 -8.48
C ALA A 217 -8.49 13.94 -7.66
N LEU A 218 -7.48 14.67 -8.12
CA LEU A 218 -6.25 14.89 -7.39
C LEU A 218 -6.19 16.35 -7.00
N LEU A 219 -6.14 16.63 -5.70
CA LEU A 219 -6.31 17.97 -5.19
C LEU A 219 -5.09 18.41 -4.39
N ASN A 220 -4.86 19.72 -4.36
CA ASN A 220 -3.85 20.30 -3.49
C ASN A 220 -4.44 20.51 -2.10
N LEU A 221 -3.73 21.24 -1.25
CA LEU A 221 -4.24 21.55 0.08
C LEU A 221 -5.27 22.67 0.06
N ASN A 222 -5.40 23.39 -1.05
CA ASN A 222 -6.41 24.44 -1.18
C ASN A 222 -7.68 23.96 -1.87
N GLY A 223 -7.73 22.70 -2.29
CA GLY A 223 -8.93 22.15 -2.88
C GLY A 223 -9.09 22.37 -4.37
N GLU A 224 -8.00 22.58 -5.11
CA GLU A 224 -8.05 22.82 -6.54
C GLU A 224 -7.65 21.55 -7.29
N LEU A 225 -8.43 21.20 -8.31
CA LEU A 225 -8.16 19.99 -9.08
C LEU A 225 -6.90 20.16 -9.93
N ILE A 226 -6.02 19.17 -9.88
CA ILE A 226 -4.78 19.20 -10.67
C ILE A 226 -4.54 17.88 -11.38
N GLY A 227 -5.49 16.95 -11.30
CA GLY A 227 -5.30 15.68 -11.97
C GLY A 227 -6.49 14.74 -11.97
N ILE A 228 -6.60 13.91 -13.01
CA ILE A 228 -7.67 12.94 -13.14
C ILE A 228 -7.02 11.56 -13.14
N ASN A 229 -7.32 10.75 -12.13
CA ASN A 229 -6.72 9.43 -12.01
C ASN A 229 -7.19 8.53 -13.15
N THR A 230 -6.24 7.89 -13.83
CA THR A 230 -6.56 7.06 -14.99
C THR A 230 -6.14 5.62 -14.84
N ALA A 231 -4.89 5.35 -14.47
CA ALA A 231 -4.38 3.99 -14.46
C ALA A 231 -3.51 3.77 -13.22
N ILE A 232 -3.44 2.51 -12.79
CA ILE A 232 -2.65 2.10 -11.64
C ILE A 232 -1.76 0.94 -12.04
N LEU A 233 -0.73 0.71 -11.24
CA LEU A 233 0.15 -0.45 -11.37
C LEU A 233 -0.11 -1.36 -10.18
N ALA A 234 -0.54 -2.58 -10.46
CA ALA A 234 -0.94 -3.52 -9.40
C ALA A 234 -0.48 -4.92 -9.77
N PRO A 235 0.63 -5.39 -9.20
CA PRO A 235 1.04 -6.78 -9.44
C PRO A 235 0.07 -7.80 -8.91
N GLY A 236 -0.75 -7.44 -7.92
CA GLY A 236 -1.69 -8.38 -7.33
C GLY A 236 -3.08 -7.81 -7.14
N GLY A 237 -3.46 -6.85 -8.00
CA GLY A 237 -4.78 -6.26 -7.94
C GLY A 237 -4.96 -5.17 -6.91
N GLY A 238 -3.90 -4.77 -6.22
CA GLY A 238 -3.99 -3.72 -5.22
C GLY A 238 -2.93 -2.67 -5.44
N SER A 239 -3.22 -1.46 -4.96
CA SER A 239 -2.30 -0.35 -5.12
C SER A 239 -1.02 -0.62 -4.35
N VAL A 240 0.12 -0.32 -4.96
CA VAL A 240 1.42 -0.51 -4.35
C VAL A 240 2.10 0.85 -4.20
N GLY A 241 1.31 1.90 -4.05
CA GLY A 241 1.85 3.23 -3.94
C GLY A 241 2.26 3.88 -5.24
N ILE A 242 1.75 3.39 -6.37
CA ILE A 242 2.03 3.98 -7.68
C ILE A 242 0.69 4.22 -8.37
N GLY A 243 0.37 5.47 -8.63
CA GLY A 243 -0.85 5.81 -9.36
C GLY A 243 -0.57 6.91 -10.36
N PHE A 244 -1.22 6.79 -11.52
CA PHE A 244 -0.99 7.69 -12.65
C PHE A 244 -2.24 8.53 -12.90
N ALA A 245 -2.06 9.83 -13.05
CA ALA A 245 -3.17 10.75 -13.24
C ALA A 245 -2.87 11.72 -14.38
N ILE A 246 -3.85 11.92 -15.25
CA ILE A 246 -3.72 12.89 -16.35
C ILE A 246 -3.73 14.30 -15.77
N PRO A 247 -2.86 15.20 -16.21
CA PRO A 247 -2.83 16.56 -15.64
C PRO A 247 -4.09 17.34 -15.97
N SER A 248 -4.31 18.39 -15.19
CA SER A 248 -5.53 19.18 -15.34
C SER A 248 -5.47 20.11 -16.55
N ASN A 249 -4.29 20.59 -16.93
CA ASN A 249 -4.18 21.48 -18.08
C ASN A 249 -4.64 20.78 -19.35
N MET A 250 -4.24 19.52 -19.53
CA MET A 250 -4.74 18.74 -20.65
C MET A 250 -6.24 18.52 -20.55
N ALA A 251 -6.74 18.28 -19.34
CA ALA A 251 -8.17 18.04 -19.17
C ALA A 251 -8.98 19.30 -19.40
N ARG A 252 -8.51 20.45 -18.88
CA ARG A 252 -9.27 21.68 -19.04
C ARG A 252 -9.37 22.10 -20.49
N THR A 253 -8.26 22.00 -21.23
CA THR A 253 -8.28 22.39 -22.64
C THR A 253 -9.19 21.49 -23.45
N LEU A 254 -9.17 20.19 -23.18
CA LEU A 254 -10.06 19.26 -23.87
C LEU A 254 -11.52 19.54 -23.53
N ALA A 255 -11.80 19.87 -22.27
CA ALA A 255 -13.17 20.15 -21.87
C ALA A 255 -13.71 21.39 -22.59
N GLN A 256 -12.90 22.45 -22.67
CA GLN A 256 -13.34 23.66 -23.35
C GLN A 256 -13.57 23.41 -24.84
N GLN A 257 -12.67 22.65 -25.46
CA GLN A 257 -12.83 22.33 -26.88
C GLN A 257 -14.08 21.48 -27.12
N LEU A 258 -14.32 20.50 -26.25
CA LEU A 258 -15.49 19.64 -26.41
C LEU A 258 -16.79 20.40 -26.15
N ILE A 259 -16.78 21.33 -25.21
CA ILE A 259 -17.98 22.11 -24.93
C ILE A 259 -18.30 23.03 -26.10
N ASP A 260 -17.31 23.77 -26.59
CA ASP A 260 -17.55 24.78 -27.61
C ASP A 260 -17.75 24.18 -28.99
N PHE A 261 -17.02 23.11 -29.32
CA PHE A 261 -17.06 22.54 -30.67
C PHE A 261 -17.84 21.24 -30.77
N GLY A 262 -17.92 20.47 -29.68
CA GLY A 262 -18.53 19.16 -29.75
C GLY A 262 -17.64 18.07 -30.29
N GLU A 263 -16.39 18.38 -30.63
CA GLU A 263 -15.44 17.42 -31.17
C GLU A 263 -14.04 17.91 -30.84
N ILE A 264 -13.04 17.33 -31.49
CA ILE A 264 -11.64 17.64 -31.24
C ILE A 264 -10.97 18.08 -32.53
N LYS A 265 -10.23 19.18 -32.46
CA LYS A 265 -9.42 19.67 -33.57
C LYS A 265 -7.96 19.47 -33.20
N ARG A 266 -7.33 18.45 -33.77
CA ARG A 266 -6.00 18.02 -33.38
C ARG A 266 -4.97 18.55 -34.38
N GLY A 267 -3.88 19.12 -33.86
CA GLY A 267 -2.82 19.64 -34.68
C GLY A 267 -1.64 18.68 -34.79
N LEU A 268 -0.72 19.05 -35.68
CA LEU A 268 0.50 18.27 -35.88
C LEU A 268 1.55 19.17 -36.54
N LEU A 269 2.77 18.66 -36.61
CA LEU A 269 3.90 19.40 -37.17
C LEU A 269 4.37 18.85 -38.50
N GLY A 270 4.01 17.61 -38.84
CA GLY A 270 4.49 16.99 -40.05
C GLY A 270 5.89 16.44 -39.88
N ILE A 271 6.15 15.86 -38.72
CA ILE A 271 7.47 15.39 -38.33
C ILE A 271 7.37 13.96 -37.83
N LYS A 272 8.26 13.09 -38.30
CA LYS A 272 8.39 11.74 -37.79
C LYS A 272 9.76 11.58 -37.17
N GLY A 273 9.80 11.04 -35.95
CA GLY A 273 11.07 10.87 -35.27
C GLY A 273 10.90 9.95 -34.07
N THR A 274 12.04 9.65 -33.45
CA THR A 274 12.11 8.75 -32.30
C THR A 274 12.61 9.52 -31.08
N GLU A 275 12.63 8.82 -29.94
CA GLU A 275 13.06 9.43 -28.69
C GLU A 275 14.58 9.61 -28.67
N MET A 276 15.03 10.54 -27.83
CA MET A 276 16.44 10.83 -27.67
C MET A 276 17.02 9.92 -26.59
N SER A 277 18.09 9.21 -26.93
CA SER A 277 18.80 8.37 -25.98
C SER A 277 20.07 9.09 -25.51
N ALA A 278 20.89 8.36 -24.77
CA ALA A 278 22.14 8.92 -24.25
C ALA A 278 23.34 8.57 -25.13
N ASP A 279 23.26 7.48 -25.89
CA ASP A 279 24.41 7.05 -26.69
C ASP A 279 24.59 7.93 -27.92
N ILE A 280 23.49 8.38 -28.52
CA ILE A 280 23.60 9.18 -29.74
C ILE A 280 24.16 10.56 -29.43
N ALA A 281 23.75 11.16 -28.31
CA ALA A 281 24.24 12.48 -27.95
C ALA A 281 25.74 12.46 -27.69
N LYS A 282 26.24 11.45 -26.98
CA LYS A 282 27.66 11.37 -26.72
C LYS A 282 28.45 11.01 -27.97
N ALA A 283 27.86 10.23 -28.87
CA ALA A 283 28.51 9.92 -30.14
C ALA A 283 28.56 11.12 -31.08
N PHE A 284 27.73 12.13 -30.84
CA PHE A 284 27.69 13.32 -31.67
C PHE A 284 28.28 14.55 -30.97
N ASN A 285 28.84 14.38 -29.78
CA ASN A 285 29.40 15.47 -28.99
C ASN A 285 28.33 16.53 -28.71
N LEU A 286 27.30 16.12 -27.98
CA LEU A 286 26.19 16.99 -27.61
C LEU A 286 26.06 17.07 -26.10
N ASP A 287 25.78 18.26 -25.60
CA ASP A 287 25.67 18.52 -24.17
C ASP A 287 24.27 18.23 -23.61
N VAL A 288 23.34 17.82 -24.45
CA VAL A 288 21.96 17.56 -24.04
C VAL A 288 21.64 16.09 -24.31
N GLN A 289 21.05 15.42 -23.32
CA GLN A 289 20.71 14.01 -23.42
C GLN A 289 19.22 13.74 -23.54
N ARG A 290 18.38 14.74 -23.34
CA ARG A 290 16.93 14.60 -23.41
C ARG A 290 16.39 15.50 -24.51
N GLY A 291 15.59 14.91 -25.41
CA GLY A 291 15.04 15.67 -26.51
C GLY A 291 14.30 14.77 -27.47
N ALA A 292 14.20 15.23 -28.72
CA ALA A 292 13.57 14.47 -29.79
C ALA A 292 14.49 14.42 -30.99
N PHE A 293 14.60 13.26 -31.61
CA PHE A 293 15.49 13.03 -32.75
C PHE A 293 14.62 12.89 -34.00
N VAL A 294 14.60 13.94 -34.82
CA VAL A 294 13.75 13.94 -36.01
C VAL A 294 14.36 13.03 -37.06
N SER A 295 13.56 12.12 -37.60
CA SER A 295 14.03 11.17 -38.59
C SER A 295 13.64 11.52 -40.02
N GLU A 296 12.58 12.30 -40.21
CA GLU A 296 12.11 12.62 -41.55
C GLU A 296 11.20 13.83 -41.49
N VAL A 297 11.30 14.68 -42.51
CA VAL A 297 10.42 15.83 -42.67
C VAL A 297 9.43 15.51 -43.78
N LEU A 298 8.17 15.91 -43.57
CA LEU A 298 7.12 15.60 -44.53
C LEU A 298 6.85 16.80 -45.43
N PRO A 299 6.87 16.61 -46.75
CA PRO A 299 6.64 17.75 -47.66
C PRO A 299 5.23 18.31 -47.49
N GLY A 300 5.12 19.63 -47.65
CA GLY A 300 3.85 20.32 -47.56
C GLY A 300 3.43 20.70 -46.15
N SER A 301 4.11 20.18 -45.13
CA SER A 301 3.75 20.51 -43.75
C SER A 301 4.36 21.85 -43.35
N GLY A 302 3.89 22.37 -42.21
CA GLY A 302 4.43 23.61 -41.70
C GLY A 302 5.88 23.51 -41.30
N SER A 303 6.33 22.30 -40.93
CA SER A 303 7.74 22.10 -40.61
C SER A 303 8.61 22.33 -41.84
N ALA A 304 8.17 21.87 -43.01
CA ALA A 304 8.92 22.10 -44.24
C ALA A 304 8.98 23.58 -44.57
N LYS A 305 7.87 24.29 -44.38
CA LYS A 305 7.85 25.73 -44.66
C LYS A 305 8.82 26.49 -43.77
N ALA A 306 8.87 26.12 -42.48
CA ALA A 306 9.81 26.77 -41.57
C ALA A 306 11.25 26.46 -41.93
N GLY A 307 11.52 25.26 -42.43
CA GLY A 307 12.84 24.88 -42.84
C GLY A 307 13.61 23.97 -41.90
N VAL A 308 12.92 23.10 -41.16
CA VAL A 308 13.60 22.14 -40.30
C VAL A 308 14.11 20.99 -41.14
N LYS A 309 15.20 20.37 -40.70
CA LYS A 309 15.87 19.32 -41.45
C LYS A 309 16.00 18.08 -40.58
N ALA A 310 16.23 16.95 -41.24
CA ALA A 310 16.39 15.68 -40.53
C ALA A 310 17.69 15.67 -39.74
N GLY A 311 17.69 14.87 -38.67
CA GLY A 311 18.85 14.75 -37.81
C GLY A 311 18.94 15.79 -36.72
N ASP A 312 18.01 16.75 -36.69
CA ASP A 312 18.04 17.79 -35.66
C ASP A 312 17.58 17.24 -34.32
N ILE A 313 17.91 17.97 -33.26
CA ILE A 313 17.48 17.64 -31.91
C ILE A 313 16.61 18.79 -31.41
N ILE A 314 15.42 18.46 -30.91
CA ILE A 314 14.51 19.45 -30.35
C ILE A 314 14.73 19.47 -28.84
N THR A 315 15.09 20.63 -28.30
CA THR A 315 15.48 20.76 -26.91
C THR A 315 14.46 21.51 -26.05
N SER A 316 13.87 22.59 -26.57
CA SER A 316 12.97 23.42 -25.80
C SER A 316 11.72 23.74 -26.60
N LEU A 317 10.64 24.04 -25.88
CA LEU A 317 9.37 24.41 -26.50
C LEU A 317 8.79 25.58 -25.72
N ASN A 318 8.66 26.73 -26.39
CA ASN A 318 8.15 27.96 -25.78
C ASN A 318 8.94 28.34 -24.52
N GLY A 319 10.26 28.20 -24.59
CA GLY A 319 11.15 28.49 -23.48
C GLY A 319 11.14 27.46 -22.38
N LYS A 320 10.04 26.71 -22.22
CA LYS A 320 9.94 25.61 -21.28
C LYS A 320 10.71 24.42 -21.84
N PRO A 321 11.54 23.75 -21.04
CA PRO A 321 12.30 22.65 -21.56
C PRO A 321 11.58 21.31 -21.67
N LEU A 322 12.21 20.41 -22.41
CA LEU A 322 11.60 19.15 -22.83
C LEU A 322 12.20 17.99 -22.06
N ASN A 323 11.37 17.06 -21.64
CA ASN A 323 11.80 15.90 -20.86
C ASN A 323 11.92 14.64 -21.70
N SER A 324 10.98 14.40 -22.61
CA SER A 324 10.99 13.22 -23.44
C SER A 324 10.19 13.49 -24.70
N PHE A 325 10.34 12.58 -25.68
CA PHE A 325 9.64 12.75 -26.95
C PHE A 325 8.12 12.66 -26.79
N ALA A 326 7.65 11.88 -25.82
CA ALA A 326 6.21 11.76 -25.60
C ALA A 326 5.61 13.08 -25.14
N GLU A 327 6.36 13.85 -24.34
CA GLU A 327 5.84 15.13 -23.86
C GLU A 327 5.60 16.10 -25.02
N LEU A 328 6.51 16.14 -25.99
CA LEU A 328 6.33 17.00 -27.15
C LEU A 328 5.09 16.59 -27.95
N ARG A 329 4.87 15.30 -28.10
CA ARG A 329 3.69 14.81 -28.82
C ARG A 329 2.41 15.21 -28.09
N SER A 330 2.42 15.16 -26.75
CA SER A 330 1.23 15.50 -25.98
C SER A 330 0.90 16.99 -26.08
N ARG A 331 1.90 17.85 -25.93
CA ARG A 331 1.65 19.28 -25.97
C ARG A 331 1.28 19.75 -27.38
N ILE A 332 1.88 19.15 -28.41
CA ILE A 332 1.60 19.58 -29.77
C ILE A 332 0.20 19.15 -30.20
N ALA A 333 -0.26 17.98 -29.71
CA ALA A 333 -1.59 17.51 -30.08
C ALA A 333 -2.68 18.34 -29.43
N THR A 334 -2.48 18.74 -28.18
CA THR A 334 -3.46 19.55 -27.48
C THR A 334 -3.60 20.93 -28.12
N THR A 335 -2.49 21.50 -28.57
CA THR A 335 -2.50 22.87 -29.08
C THR A 335 -3.40 23.01 -30.31
N GLU A 336 -4.08 24.14 -30.39
CA GLU A 336 -5.01 24.41 -31.49
C GLU A 336 -4.24 24.51 -32.80
N PRO A 337 -4.68 23.84 -33.86
CA PRO A 337 -4.02 24.02 -35.17
C PRO A 337 -4.09 25.46 -35.65
N GLY A 338 -3.07 25.86 -36.40
CA GLY A 338 -3.00 27.20 -36.96
C GLY A 338 -2.28 28.21 -36.08
N THR A 339 -1.85 27.82 -34.89
CA THR A 339 -1.13 28.72 -34.00
C THR A 339 0.38 28.60 -34.22
N LYS A 340 1.09 29.67 -33.94
CA LYS A 340 2.54 29.72 -34.11
C LYS A 340 3.23 29.40 -32.79
N VAL A 341 4.14 28.43 -32.83
CA VAL A 341 4.90 28.02 -31.66
C VAL A 341 6.38 27.96 -32.02
N LYS A 342 7.23 28.42 -31.12
CA LYS A 342 8.67 28.40 -31.34
C LYS A 342 9.25 27.08 -30.86
N LEU A 343 10.31 26.63 -31.52
CA LEU A 343 10.96 25.37 -31.21
C LEU A 343 12.45 25.60 -30.99
N GLY A 344 13.00 24.95 -29.98
CA GLY A 344 14.43 25.02 -29.73
C GLY A 344 15.17 23.87 -30.36
N LEU A 345 15.77 24.11 -31.53
CA LEU A 345 16.45 23.07 -32.29
C LEU A 345 17.94 23.10 -32.03
N LEU A 346 18.62 22.02 -32.43
CA LEU A 346 20.05 21.88 -32.26
C LEU A 346 20.61 21.28 -33.55
N ARG A 347 21.45 22.05 -34.24
CA ARG A 347 22.04 21.62 -35.51
C ARG A 347 23.55 21.65 -35.40
N ASN A 348 24.16 20.46 -35.40
CA ASN A 348 25.61 20.30 -35.45
C ASN A 348 26.30 21.07 -34.32
N GLY A 349 25.75 20.97 -33.12
CA GLY A 349 26.35 21.58 -31.95
C GLY A 349 25.93 23.00 -31.66
N LYS A 350 25.09 23.60 -32.51
CA LYS A 350 24.66 24.96 -32.25
C LYS A 350 23.14 25.02 -32.10
N PRO A 351 22.63 25.90 -31.24
CA PRO A 351 21.19 26.03 -31.06
C PRO A 351 20.57 27.05 -32.01
N LEU A 352 19.35 26.74 -32.44
CA LEU A 352 18.60 27.62 -33.31
C LEU A 352 17.14 27.60 -32.91
N GLU A 353 16.42 28.67 -33.25
CA GLU A 353 15.01 28.81 -32.93
C GLU A 353 14.25 29.15 -34.21
N VAL A 354 13.10 28.49 -34.39
CA VAL A 354 12.26 28.71 -35.57
C VAL A 354 10.81 28.79 -35.11
N GLU A 355 10.00 29.45 -35.94
CA GLU A 355 8.57 29.62 -35.69
C GLU A 355 7.79 28.82 -36.72
N VAL A 356 6.92 27.94 -36.26
CA VAL A 356 6.18 27.02 -37.12
C VAL A 356 4.70 27.18 -36.86
N THR A 357 3.90 27.19 -37.93
CA THR A 357 2.45 27.22 -37.84
C THR A 357 1.92 25.79 -37.91
N LEU A 358 1.14 25.39 -36.92
CA LEU A 358 0.66 24.02 -36.83
C LEU A 358 -0.36 23.73 -37.93
N ASP A 359 -0.34 22.49 -38.42
CA ASP A 359 -1.30 22.03 -39.42
C ASP A 359 -2.46 21.32 -38.72
N THR A 360 -3.36 20.74 -39.50
CA THR A 360 -4.55 20.07 -38.98
C THR A 360 -4.50 18.60 -39.37
N SER A 361 -4.72 17.72 -38.39
CA SER A 361 -4.74 16.28 -38.64
C SER A 361 -5.95 15.88 -39.46
N PRO B 38 12.95 21.25 16.46
CA PRO B 38 13.00 21.92 15.15
C PRO B 38 12.26 21.14 14.08
N LEU B 39 12.77 19.95 13.75
CA LEU B 39 12.12 19.11 12.75
C LEU B 39 10.85 18.51 13.34
N PRO B 40 9.69 18.71 12.70
CA PRO B 40 8.46 18.10 13.21
C PRO B 40 8.55 16.58 13.20
N SER B 41 8.02 15.96 14.25
CA SER B 41 8.06 14.51 14.37
C SER B 41 6.94 14.07 15.30
N LEU B 42 6.62 12.78 15.23
CA LEU B 42 5.65 12.16 16.12
C LEU B 42 6.29 11.55 17.36
N ALA B 43 7.61 11.57 17.45
CA ALA B 43 8.28 10.98 18.62
C ALA B 43 7.91 11.67 19.93
N PRO B 44 7.81 13.00 20.03
CA PRO B 44 7.36 13.59 21.31
C PRO B 44 6.04 13.05 21.80
N MET B 45 5.09 12.78 20.91
CA MET B 45 3.78 12.30 21.32
C MET B 45 3.73 10.78 21.46
N LEU B 46 4.43 10.06 20.58
CA LEU B 46 4.34 8.61 20.58
C LEU B 46 5.07 7.98 21.76
N GLU B 47 6.16 8.59 22.22
CA GLU B 47 7.01 7.96 23.23
C GLU B 47 6.26 7.70 24.54
N LYS B 48 5.15 8.39 24.78
CA LYS B 48 4.35 8.20 25.99
C LYS B 48 3.16 7.27 25.79
N VAL B 49 3.01 6.68 24.59
CA VAL B 49 1.80 5.95 24.24
C VAL B 49 2.08 4.49 23.93
N LEU B 50 3.17 4.20 23.22
CA LEU B 50 3.47 2.82 22.81
C LEU B 50 3.46 1.81 23.95
N PRO B 51 3.98 2.09 25.16
CA PRO B 51 3.89 1.09 26.22
C PRO B 51 2.48 0.68 26.58
N ALA B 52 1.48 1.52 26.34
CA ALA B 52 0.10 1.17 26.66
C ALA B 52 -0.38 0.00 25.80
N VAL B 53 -0.09 0.03 24.51
CA VAL B 53 -0.55 -1.03 23.61
C VAL B 53 0.27 -2.29 23.85
N VAL B 54 -0.42 -3.43 23.94
CA VAL B 54 0.23 -4.70 24.19
C VAL B 54 -0.15 -5.67 23.07
N SER B 55 0.57 -6.78 23.02
CA SER B 55 0.32 -7.85 22.07
C SER B 55 -0.31 -9.04 22.78
N VAL B 56 -0.95 -9.91 22.00
CA VAL B 56 -1.63 -11.09 22.53
C VAL B 56 -1.32 -12.28 21.64
N ARG B 57 -0.87 -13.37 22.25
CA ARG B 57 -0.71 -14.66 21.56
C ARG B 57 -1.76 -15.63 22.06
N VAL B 58 -2.46 -16.27 21.13
CA VAL B 58 -3.52 -17.21 21.43
C VAL B 58 -3.13 -18.57 20.87
N GLU B 59 -3.12 -19.59 21.72
CA GLU B 59 -2.88 -20.96 21.31
C GLU B 59 -4.08 -21.81 21.71
N GLY B 60 -4.48 -22.70 20.83
CA GLY B 60 -5.62 -23.56 21.09
C GLY B 60 -5.78 -24.57 19.99
N THR B 61 -6.99 -25.11 19.87
CA THR B 61 -7.28 -26.11 18.85
C THR B 61 -8.70 -25.95 18.31
N GLN B 86 -6.91 -29.81 15.36
CA GLN B 86 -5.52 -29.47 15.11
C GLN B 86 -5.14 -28.15 15.78
N PRO B 87 -4.05 -28.15 16.54
CA PRO B 87 -3.65 -26.94 17.26
C PRO B 87 -3.27 -25.82 16.30
N PHE B 88 -3.57 -24.59 16.70
CA PHE B 88 -3.18 -23.41 15.95
C PHE B 88 -2.61 -22.36 16.90
N GLU B 89 -1.69 -21.55 16.38
CA GLU B 89 -1.11 -20.43 17.12
C GLU B 89 -1.52 -19.14 16.41
N GLY B 90 -2.33 -18.33 17.08
CA GLY B 90 -2.77 -17.05 16.55
C GLY B 90 -2.06 -15.91 17.24
N LEU B 91 -2.07 -14.75 16.59
CA LEU B 91 -1.44 -13.55 17.13
C LEU B 91 -2.39 -12.36 16.97
N GLY B 92 -2.33 -11.44 17.92
CA GLY B 92 -3.16 -10.25 17.86
C GLY B 92 -2.58 -9.13 18.69
N SER B 93 -3.37 -8.07 18.91
CA SER B 93 -2.94 -6.94 19.71
C SER B 93 -4.10 -6.44 20.56
N GLY B 94 -3.76 -5.64 21.57
CA GLY B 94 -4.76 -5.08 22.46
C GLY B 94 -4.26 -3.78 23.07
N VAL B 95 -5.17 -3.11 23.76
CA VAL B 95 -4.88 -1.83 24.40
C VAL B 95 -5.30 -1.90 25.87
N ILE B 96 -4.42 -1.44 26.74
CA ILE B 96 -4.70 -1.42 28.18
C ILE B 96 -5.53 -0.20 28.51
N ILE B 97 -6.68 -0.40 29.15
CA ILE B 97 -7.60 0.69 29.43
C ILE B 97 -7.65 1.09 30.89
N ASN B 98 -7.20 0.23 31.81
CA ASN B 98 -7.22 0.53 33.25
C ASN B 98 -5.92 -0.01 33.85
N ALA B 99 -5.04 0.91 34.26
CA ALA B 99 -3.74 0.51 34.77
C ALA B 99 -3.86 -0.29 36.07
N SER B 100 -4.73 0.15 36.97
CA SER B 100 -4.81 -0.49 38.28
C SER B 100 -5.30 -1.92 38.18
N LYS B 101 -6.33 -2.18 37.37
CA LYS B 101 -6.89 -3.51 37.23
C LYS B 101 -6.33 -4.28 36.04
N GLY B 102 -5.68 -3.61 35.11
CA GLY B 102 -5.13 -4.28 33.94
C GLY B 102 -6.15 -4.87 32.99
N TYR B 103 -7.20 -4.11 32.67
CA TYR B 103 -8.14 -4.55 31.65
C TYR B 103 -7.55 -4.31 30.27
N VAL B 104 -7.71 -5.27 29.37
CA VAL B 104 -7.18 -5.21 28.02
C VAL B 104 -8.32 -5.45 27.04
N LEU B 105 -8.52 -4.53 26.11
CA LEU B 105 -9.49 -4.73 25.05
C LEU B 105 -8.88 -5.55 23.91
N THR B 106 -9.75 -6.22 23.17
CA THR B 106 -9.32 -7.05 22.05
C THR B 106 -10.53 -7.30 21.15
N ASN B 107 -10.36 -8.24 20.22
CA ASN B 107 -11.41 -8.59 19.28
C ASN B 107 -11.87 -10.02 19.50
N ASN B 108 -13.18 -10.24 19.37
CA ASN B 108 -13.75 -11.56 19.67
C ASN B 108 -13.20 -12.63 18.74
N HIS B 109 -13.10 -12.33 17.43
CA HIS B 109 -12.71 -13.37 16.48
C HIS B 109 -11.30 -13.85 16.71
N VAL B 110 -10.45 -13.03 17.33
CA VAL B 110 -9.11 -13.48 17.70
C VAL B 110 -9.19 -14.51 18.82
N ILE B 111 -10.12 -14.31 19.77
CA ILE B 111 -10.17 -15.10 20.99
C ILE B 111 -11.28 -16.14 20.96
N ASN B 112 -11.93 -16.34 19.80
CA ASN B 112 -13.09 -17.20 19.73
C ASN B 112 -12.77 -18.64 20.14
N GLN B 113 -11.66 -19.18 19.67
CA GLN B 113 -11.27 -20.55 19.94
C GLN B 113 -9.97 -20.61 20.75
N ALA B 114 -9.85 -19.76 21.77
CA ALA B 114 -8.64 -19.66 22.55
C ALA B 114 -8.65 -20.65 23.70
N GLN B 115 -7.51 -21.30 23.92
CA GLN B 115 -7.29 -22.17 25.07
C GLN B 115 -6.32 -21.58 26.08
N LYS B 116 -5.25 -20.95 25.61
CA LYS B 116 -4.30 -20.26 26.47
C LYS B 116 -4.02 -18.88 25.90
N ILE B 117 -3.94 -17.89 26.78
CA ILE B 117 -3.78 -16.49 26.38
C ILE B 117 -2.56 -15.92 27.08
N SER B 118 -1.68 -15.30 26.30
CA SER B 118 -0.46 -14.69 26.83
C SER B 118 -0.37 -13.25 26.33
N ILE B 119 0.20 -12.40 27.17
CA ILE B 119 0.32 -10.97 26.89
C ILE B 119 1.77 -10.55 27.11
N GLN B 120 2.35 -9.87 26.13
CA GLN B 120 3.69 -9.31 26.24
C GLN B 120 3.64 -7.82 25.94
N LEU B 121 4.29 -7.03 26.79
CA LEU B 121 4.39 -5.60 26.55
C LEU B 121 5.47 -5.32 25.51
N ASN B 122 5.80 -4.04 25.32
CA ASN B 122 6.81 -3.66 24.35
C ASN B 122 8.23 -3.97 24.85
N ASP B 123 8.44 -4.00 26.17
CA ASP B 123 9.77 -4.20 26.72
C ASP B 123 10.10 -5.66 26.98
N GLY B 124 9.22 -6.58 26.61
CA GLY B 124 9.49 -8.00 26.72
C GLY B 124 8.84 -8.69 27.91
N ARG B 125 8.36 -7.92 28.89
CA ARG B 125 7.71 -8.53 30.05
C ARG B 125 6.46 -9.27 29.62
N GLU B 126 6.19 -10.39 30.27
CA GLU B 126 5.09 -11.27 29.90
C GLU B 126 4.18 -11.50 31.10
N PHE B 127 2.91 -11.77 30.82
CA PHE B 127 1.90 -12.03 31.85
C PHE B 127 0.93 -13.07 31.32
N ASP B 128 -0.18 -13.22 32.04
CA ASP B 128 -1.26 -14.12 31.67
C ASP B 128 -2.60 -13.43 31.91
N ALA B 129 -3.62 -13.90 31.20
CA ALA B 129 -4.94 -13.27 31.28
C ALA B 129 -6.01 -14.31 31.01
N LYS B 130 -7.22 -14.00 31.46
CA LYS B 130 -8.38 -14.84 31.25
C LYS B 130 -9.54 -14.01 30.70
N LEU B 131 -10.37 -14.66 29.90
CA LEU B 131 -11.50 -13.99 29.27
C LEU B 131 -12.54 -13.60 30.32
N ILE B 132 -13.07 -12.39 30.19
CA ILE B 132 -14.08 -11.86 31.10
C ILE B 132 -15.48 -11.96 30.48
N GLY B 133 -15.66 -11.39 29.29
CA GLY B 133 -16.93 -11.47 28.59
C GLY B 133 -16.77 -10.99 27.17
N SER B 134 -17.67 -11.45 26.31
CA SER B 134 -17.57 -11.12 24.89
C SER B 134 -18.93 -11.29 24.23
N ASP B 135 -19.12 -10.60 23.11
CA ASP B 135 -20.33 -10.68 22.30
C ASP B 135 -19.94 -10.97 20.85
N ASP B 136 -20.62 -11.93 20.24
CA ASP B 136 -20.26 -12.37 18.90
C ASP B 136 -20.69 -11.36 17.84
N GLN B 137 -21.71 -10.55 18.10
CA GLN B 137 -22.24 -9.64 17.10
C GLN B 137 -21.56 -8.28 17.09
N SER B 138 -20.68 -8.01 18.07
CA SER B 138 -19.92 -6.76 18.08
C SER B 138 -18.42 -6.96 17.90
N ASP B 139 -17.92 -8.20 18.02
CA ASP B 139 -16.53 -8.53 17.73
C ASP B 139 -15.55 -7.77 18.63
N ILE B 140 -15.89 -7.64 19.91
CA ILE B 140 -14.96 -7.12 20.90
C ILE B 140 -15.02 -8.00 22.13
N ALA B 141 -13.97 -7.91 22.95
CA ALA B 141 -13.86 -8.69 24.17
C ALA B 141 -12.98 -7.94 25.15
N LEU B 142 -13.02 -8.38 26.41
CA LEU B 142 -12.24 -7.75 27.47
C LEU B 142 -11.49 -8.80 28.26
N LEU B 143 -10.25 -8.49 28.63
CA LEU B 143 -9.39 -9.40 29.39
C LEU B 143 -8.83 -8.66 30.60
N GLN B 144 -8.44 -9.44 31.61
CA GLN B 144 -7.81 -8.90 32.81
C GLN B 144 -6.42 -9.49 32.94
N ILE B 145 -5.42 -8.62 33.10
CA ILE B 145 -4.04 -9.05 33.21
C ILE B 145 -3.80 -9.54 34.64
N GLN B 146 -3.30 -10.76 34.76
CA GLN B 146 -3.00 -11.31 36.09
C GLN B 146 -1.79 -10.61 36.69
N ASN B 147 -1.85 -10.41 38.02
CA ASN B 147 -0.84 -9.75 38.85
C ASN B 147 -0.23 -8.55 38.13
N PRO B 148 -1.00 -7.47 37.92
CA PRO B 148 -0.44 -6.31 37.23
C PRO B 148 0.67 -5.67 38.03
N SER B 149 1.65 -5.11 37.32
CA SER B 149 2.81 -4.49 37.95
C SER B 149 3.41 -3.48 36.99
N LYS B 150 3.34 -2.19 37.35
CA LYS B 150 3.88 -1.10 36.54
C LYS B 150 3.26 -1.10 35.14
N LEU B 151 1.95 -0.92 35.10
CA LEU B 151 1.19 -0.84 33.86
C LEU B 151 0.70 0.58 33.63
N THR B 152 0.59 0.96 32.37
CA THR B 152 0.12 2.29 31.97
C THR B 152 -1.11 2.14 31.10
N GLN B 153 -2.00 3.13 31.15
CA GLN B 153 -3.24 3.12 30.40
C GLN B 153 -3.20 4.17 29.29
N ILE B 154 -4.30 4.26 28.57
CA ILE B 154 -4.45 5.22 27.48
C ILE B 154 -5.74 6.00 27.67
N ALA B 155 -5.77 7.21 27.12
CA ALA B 155 -6.98 8.03 27.19
C ALA B 155 -7.93 7.66 26.08
N ILE B 156 -9.20 8.04 26.25
CA ILE B 156 -10.25 7.78 25.28
C ILE B 156 -10.89 9.11 24.91
N ALA B 157 -10.95 9.39 23.61
CA ALA B 157 -11.53 10.63 23.10
C ALA B 157 -12.87 10.34 22.45
N ASP B 158 -13.67 11.40 22.31
CA ASP B 158 -15.01 11.29 21.74
C ASP B 158 -14.90 11.11 20.24
N SER B 159 -15.21 9.91 19.75
CA SER B 159 -15.16 9.64 18.32
C SER B 159 -16.32 10.29 17.57
N ASP B 160 -17.32 10.83 18.28
CA ASP B 160 -18.42 11.50 17.62
C ASP B 160 -18.01 12.81 16.97
N LYS B 161 -16.97 13.47 17.50
CA LYS B 161 -16.47 14.71 16.92
C LYS B 161 -15.54 14.47 15.73
N LEU B 162 -15.23 13.22 15.42
CA LEU B 162 -14.34 12.93 14.30
C LEU B 162 -14.98 13.35 12.98
N ARG B 163 -14.16 13.93 12.11
CA ARG B 163 -14.60 14.41 10.81
C ARG B 163 -13.60 13.95 9.75
N VAL B 164 -14.10 13.73 8.54
CA VAL B 164 -13.26 13.21 7.47
C VAL B 164 -12.14 14.19 7.18
N GLY B 165 -10.93 13.65 6.99
CA GLY B 165 -9.74 14.46 6.77
C GLY B 165 -8.83 14.57 7.98
N ASP B 166 -9.18 13.95 9.10
CA ASP B 166 -8.33 13.99 10.29
C ASP B 166 -7.21 12.97 10.17
N PHE B 167 -6.06 13.30 10.77
CA PHE B 167 -4.93 12.39 10.77
C PHE B 167 -5.05 11.37 11.89
N ALA B 168 -4.55 10.16 11.63
CA ALA B 168 -4.63 9.09 12.61
C ALA B 168 -3.52 8.08 12.33
N VAL B 169 -2.97 7.52 13.41
CA VAL B 169 -1.89 6.54 13.33
C VAL B 169 -2.40 5.23 13.91
N ALA B 170 -1.85 4.12 13.40
CA ALA B 170 -2.25 2.78 13.82
C ALA B 170 -1.07 2.08 14.47
N VAL B 171 -1.31 1.43 15.61
CA VAL B 171 -0.28 0.72 16.36
C VAL B 171 -0.69 -0.73 16.52
N GLY B 172 0.19 -1.64 16.15
CA GLY B 172 -0.11 -3.05 16.26
C GLY B 172 1.06 -3.90 15.82
N ASN B 173 0.78 -5.19 15.65
CA ASN B 173 1.81 -6.15 15.25
C ASN B 173 1.50 -6.69 13.86
N PRO B 174 2.13 -6.18 12.82
CA PRO B 174 1.89 -6.74 11.48
C PRO B 174 2.80 -7.93 11.19
N PHE B 175 2.20 -9.06 10.81
CA PHE B 175 2.91 -10.28 10.45
C PHE B 175 3.78 -10.83 11.58
N GLY B 176 3.50 -10.45 12.83
CA GLY B 176 4.27 -10.93 13.96
C GLY B 176 5.70 -10.45 13.98
N LEU B 177 5.91 -9.15 13.72
CA LEU B 177 7.25 -8.58 13.69
C LEU B 177 7.57 -7.71 14.89
N GLY B 178 6.57 -7.28 15.65
CA GLY B 178 6.77 -6.43 16.80
C GLY B 178 5.76 -5.30 16.79
N GLN B 179 6.03 -4.28 17.60
CA GLN B 179 5.13 -3.15 17.71
C GLN B 179 5.55 -2.08 16.70
N THR B 180 4.65 -1.76 15.77
CA THR B 180 4.92 -0.81 14.71
C THR B 180 3.85 0.28 14.73
N ALA B 181 4.23 1.47 14.27
CA ALA B 181 3.32 2.61 14.18
C ALA B 181 3.34 3.13 12.75
N THR B 182 2.20 3.01 12.06
CA THR B 182 2.03 3.56 10.73
C THR B 182 1.07 4.73 10.78
N SER B 183 1.18 5.62 9.80
CA SER B 183 0.40 6.84 9.77
C SER B 183 -0.67 6.76 8.68
N GLY B 184 -1.59 7.71 8.72
CA GLY B 184 -2.66 7.76 7.76
C GLY B 184 -3.70 8.79 8.16
N ILE B 185 -4.84 8.75 7.45
CA ILE B 185 -5.96 9.62 7.72
C ILE B 185 -7.23 8.78 7.75
N VAL B 186 -8.34 9.42 8.13
CA VAL B 186 -9.65 8.76 8.14
C VAL B 186 -10.28 8.95 6.77
N SER B 187 -10.43 7.84 6.03
CA SER B 187 -10.97 7.92 4.68
C SER B 187 -12.42 8.39 4.70
N ALA B 188 -13.26 7.74 5.50
CA ALA B 188 -14.67 8.10 5.60
C ALA B 188 -15.27 7.40 6.81
N LEU B 189 -16.16 8.10 7.49
CA LEU B 189 -16.79 7.59 8.70
C LEU B 189 -18.17 7.01 8.38
N GLY B 190 -18.63 6.12 9.24
CA GLY B 190 -19.96 5.56 9.10
C GLY B 190 -20.10 4.49 8.04
N ARG B 191 -19.00 4.05 7.43
CA ARG B 191 -19.08 2.98 6.44
C ARG B 191 -19.62 1.71 7.06
N SER B 192 -20.58 1.09 6.38
CA SER B 192 -21.24 -0.10 6.89
C SER B 192 -21.74 -0.93 5.72
N GLY B 193 -22.47 -1.99 6.02
CA GLY B 193 -22.96 -2.88 4.98
C GLY B 193 -21.87 -3.62 4.25
N LEU B 194 -20.83 -4.04 4.97
CA LEU B 194 -19.72 -4.77 4.38
C LEU B 194 -19.83 -6.27 4.60
N ASN B 195 -20.96 -6.75 5.12
CA ASN B 195 -21.23 -8.17 5.41
C ASN B 195 -20.06 -8.84 6.12
N LEU B 196 -19.33 -8.08 6.93
CA LEU B 196 -18.21 -8.61 7.70
C LEU B 196 -18.63 -9.06 9.10
N GLU B 197 -19.76 -8.58 9.60
CA GLU B 197 -20.19 -8.87 10.96
C GLU B 197 -21.66 -8.53 11.08
N GLY B 198 -22.24 -8.86 12.23
CA GLY B 198 -23.64 -8.52 12.47
C GLY B 198 -23.86 -7.03 12.57
N LEU B 199 -22.98 -6.32 13.28
CA LEU B 199 -23.13 -4.89 13.53
C LEU B 199 -21.99 -4.16 12.83
N GLU B 200 -22.33 -3.18 12.00
CA GLU B 200 -21.35 -2.41 11.23
C GLU B 200 -21.52 -0.93 11.53
N ASN B 201 -20.53 -0.35 12.21
CA ASN B 201 -20.44 1.10 12.37
C ASN B 201 -18.99 1.55 12.22
N PHE B 202 -18.27 0.89 11.32
CA PHE B 202 -16.83 1.10 11.20
C PHE B 202 -16.51 2.52 10.72
N ILE B 203 -15.28 2.95 11.02
CA ILE B 203 -14.70 4.13 10.41
C ILE B 203 -13.49 3.67 9.60
N GLN B 204 -13.37 4.19 8.39
CA GLN B 204 -12.37 3.73 7.44
C GLN B 204 -11.15 4.64 7.49
N THR B 205 -9.98 4.02 7.51
CA THR B 205 -8.71 4.75 7.52
C THR B 205 -7.78 4.17 6.47
N ASP B 206 -6.93 5.01 5.91
CA ASP B 206 -6.01 4.60 4.86
C ASP B 206 -4.67 4.10 5.40
N ALA B 207 -4.46 4.17 6.71
CA ALA B 207 -3.21 3.68 7.28
C ALA B 207 -3.08 2.18 7.04
N SER B 208 -1.86 1.76 6.71
CA SER B 208 -1.61 0.36 6.37
C SER B 208 -1.89 -0.55 7.57
N ILE B 209 -2.95 -1.35 7.48
CA ILE B 209 -3.31 -2.31 8.50
C ILE B 209 -3.25 -3.69 7.87
N ASN B 210 -2.44 -4.57 8.44
CA ASN B 210 -2.17 -5.89 7.87
C ASN B 210 -2.61 -6.97 8.85
N ARG B 211 -2.33 -8.23 8.48
CA ARG B 211 -2.67 -9.35 9.34
C ARG B 211 -1.92 -9.26 10.66
N GLY B 212 -2.62 -9.60 11.75
CA GLY B 212 -2.07 -9.49 13.07
C GLY B 212 -2.27 -8.15 13.75
N ASN B 213 -2.85 -7.18 13.05
CA ASN B 213 -3.12 -5.86 13.61
C ASN B 213 -4.49 -5.76 14.25
N ALA B 214 -5.26 -6.84 14.25
CA ALA B 214 -6.61 -6.80 14.83
C ALA B 214 -6.53 -6.54 16.33
N GLY B 215 -7.48 -5.76 16.83
CA GLY B 215 -7.51 -5.40 18.23
C GLY B 215 -6.49 -4.36 18.63
N GLY B 216 -5.84 -3.70 17.68
CA GLY B 216 -4.82 -2.74 18.01
C GLY B 216 -5.38 -1.41 18.47
N ALA B 217 -4.80 -0.31 18.02
CA ALA B 217 -5.26 1.00 18.41
C ALA B 217 -5.23 1.93 17.21
N LEU B 218 -6.05 2.98 17.26
CA LEU B 218 -6.08 4.03 16.26
C LEU B 218 -6.05 5.36 16.99
N LEU B 219 -4.95 6.09 16.87
CA LEU B 219 -4.68 7.25 17.70
C LEU B 219 -4.68 8.52 16.86
N ASN B 220 -5.21 9.59 17.44
CA ASN B 220 -5.13 10.90 16.82
C ASN B 220 -3.76 11.51 17.10
N LEU B 221 -3.60 12.79 16.78
CA LEU B 221 -2.33 13.47 17.00
C LEU B 221 -2.11 13.84 18.47
N ASN B 222 -3.14 13.75 19.31
CA ASN B 222 -3.02 14.03 20.73
C ASN B 222 -2.75 12.79 21.56
N GLY B 223 -2.65 11.62 20.94
CA GLY B 223 -2.38 10.38 21.65
C GLY B 223 -3.59 9.69 22.23
N GLU B 224 -4.80 10.21 22.01
CA GLU B 224 -6.00 9.61 22.55
C GLU B 224 -6.57 8.58 21.59
N LEU B 225 -7.02 7.46 22.13
CA LEU B 225 -7.58 6.40 21.31
C LEU B 225 -8.92 6.83 20.73
N ILE B 226 -9.10 6.57 19.42
CA ILE B 226 -10.34 6.89 18.74
C ILE B 226 -10.90 5.72 17.93
N GLY B 227 -10.27 4.56 17.97
CA GLY B 227 -10.79 3.43 17.23
C GLY B 227 -9.94 2.19 17.50
N ILE B 228 -10.52 1.05 17.14
CA ILE B 228 -9.87 -0.26 17.27
C ILE B 228 -9.98 -0.96 15.93
N ASN B 229 -8.84 -1.31 15.35
CA ASN B 229 -8.81 -1.93 14.03
C ASN B 229 -9.41 -3.33 14.09
N THR B 230 -10.33 -3.62 13.16
CA THR B 230 -11.02 -4.90 13.16
C THR B 230 -10.83 -5.69 11.87
N ALA B 231 -11.04 -5.07 10.71
CA ALA B 231 -11.04 -5.81 9.45
C ALA B 231 -10.33 -5.00 8.38
N ILE B 232 -9.85 -5.71 7.35
CA ILE B 232 -9.14 -5.11 6.24
C ILE B 232 -9.73 -5.63 4.95
N LEU B 233 -9.47 -4.91 3.85
CA LEU B 233 -9.87 -5.32 2.51
C LEU B 233 -8.59 -5.68 1.76
N ALA B 234 -8.28 -6.97 1.69
CA ALA B 234 -7.04 -7.45 1.08
C ALA B 234 -7.36 -8.37 -0.10
N PRO B 235 -7.36 -7.85 -1.32
CA PRO B 235 -7.56 -8.73 -2.48
C PRO B 235 -6.44 -9.74 -2.68
N GLY B 236 -5.26 -9.49 -2.14
CA GLY B 236 -4.13 -10.38 -2.32
C GLY B 236 -3.38 -10.67 -1.03
N GLY B 237 -4.07 -10.58 0.11
CA GLY B 237 -3.47 -10.87 1.39
C GLY B 237 -2.68 -9.74 2.00
N GLY B 238 -2.62 -8.58 1.34
CA GLY B 238 -1.88 -7.44 1.87
C GLY B 238 -2.72 -6.18 1.83
N SER B 239 -2.23 -5.16 2.54
CA SER B 239 -2.94 -3.90 2.60
C SER B 239 -2.97 -3.22 1.24
N VAL B 240 -4.08 -2.55 0.95
CA VAL B 240 -4.22 -1.77 -0.27
C VAL B 240 -4.64 -0.35 0.10
N GLY B 241 -4.40 0.03 1.35
CA GLY B 241 -4.78 1.34 1.82
C GLY B 241 -6.18 1.45 2.34
N ILE B 242 -6.85 0.33 2.61
CA ILE B 242 -8.21 0.31 3.14
C ILE B 242 -8.19 -0.47 4.45
N GLY B 243 -8.62 0.17 5.53
CA GLY B 243 -8.68 -0.48 6.83
C GLY B 243 -9.85 0.02 7.65
N PHE B 244 -10.61 -0.90 8.23
CA PHE B 244 -11.82 -0.57 8.97
C PHE B 244 -11.58 -0.71 10.47
N ALA B 245 -11.98 0.30 11.23
CA ALA B 245 -11.76 0.33 12.68
C ALA B 245 -13.06 0.66 13.39
N ILE B 246 -13.38 -0.14 14.41
CA ILE B 246 -14.57 0.10 15.23
C ILE B 246 -14.39 1.40 16.01
N PRO B 247 -15.41 2.25 16.12
CA PRO B 247 -15.24 3.51 16.85
C PRO B 247 -14.98 3.28 18.33
N SER B 248 -14.52 4.34 18.99
CA SER B 248 -14.14 4.26 20.39
C SER B 248 -15.33 4.38 21.33
N ASN B 249 -16.28 5.26 21.03
CA ASN B 249 -17.43 5.44 21.92
C ASN B 249 -18.24 4.15 22.02
N MET B 250 -18.47 3.48 20.89
CA MET B 250 -19.19 2.22 20.92
C MET B 250 -18.40 1.14 21.64
N ALA B 251 -17.08 1.11 21.43
CA ALA B 251 -16.25 0.08 22.07
C ALA B 251 -16.10 0.35 23.57
N ARG B 252 -15.90 1.60 23.95
CA ARG B 252 -15.69 1.92 25.36
C ARG B 252 -16.95 1.65 26.17
N THR B 253 -18.10 2.12 25.68
CA THR B 253 -19.35 1.92 26.42
C THR B 253 -19.68 0.44 26.57
N LEU B 254 -19.48 -0.33 25.50
CA LEU B 254 -19.72 -1.77 25.58
C LEU B 254 -18.75 -2.42 26.56
N ALA B 255 -17.51 -1.92 26.62
CA ALA B 255 -16.54 -2.49 27.55
C ALA B 255 -16.96 -2.28 29.00
N GLN B 256 -17.46 -1.08 29.32
CA GLN B 256 -17.87 -0.79 30.69
C GLN B 256 -19.03 -1.70 31.12
N GLN B 257 -19.99 -1.93 30.21
CA GLN B 257 -21.10 -2.83 30.53
C GLN B 257 -20.60 -4.26 30.71
N LEU B 258 -19.62 -4.68 29.90
CA LEU B 258 -19.13 -6.04 29.98
C LEU B 258 -18.45 -6.32 31.32
N ILE B 259 -17.72 -5.35 31.85
CA ILE B 259 -16.97 -5.61 33.08
C ILE B 259 -17.83 -5.37 34.32
N ASP B 260 -18.88 -4.55 34.21
CA ASP B 260 -19.70 -4.25 35.37
C ASP B 260 -20.76 -5.33 35.59
N PHE B 261 -21.45 -5.73 34.53
CA PHE B 261 -22.55 -6.68 34.63
C PHE B 261 -22.20 -8.07 34.14
N GLY B 262 -21.08 -8.25 33.46
CA GLY B 262 -20.68 -9.53 32.95
C GLY B 262 -21.23 -9.89 31.59
N GLU B 263 -22.25 -9.18 31.11
CA GLU B 263 -22.83 -9.43 29.80
C GLU B 263 -23.61 -8.18 29.39
N ILE B 264 -23.83 -8.06 28.08
CA ILE B 264 -24.46 -6.86 27.54
C ILE B 264 -25.98 -6.98 27.59
N LYS B 265 -26.65 -5.85 27.46
CA LYS B 265 -28.11 -5.77 27.39
C LYS B 265 -28.46 -4.89 26.21
N ARG B 266 -28.98 -5.51 25.15
CA ARG B 266 -29.25 -4.80 23.89
C ARG B 266 -30.68 -4.28 23.89
N GLY B 267 -30.84 -2.99 23.63
CA GLY B 267 -32.16 -2.40 23.52
C GLY B 267 -32.72 -2.53 22.12
N LEU B 268 -34.05 -2.69 22.04
CA LEU B 268 -34.74 -2.83 20.77
C LEU B 268 -35.95 -1.91 20.72
N LEU B 269 -36.12 -1.24 19.59
CA LEU B 269 -37.30 -0.40 19.40
C LEU B 269 -38.54 -1.22 19.11
N GLY B 270 -38.38 -2.34 18.42
CA GLY B 270 -39.50 -3.15 17.97
C GLY B 270 -39.97 -2.86 16.57
N ILE B 271 -39.10 -2.38 15.68
CA ILE B 271 -39.46 -2.03 14.32
C ILE B 271 -38.65 -2.88 13.36
N LYS B 272 -39.32 -3.51 12.40
CA LYS B 272 -38.66 -4.21 11.31
C LYS B 272 -38.77 -3.36 10.05
N GLY B 273 -37.63 -3.08 9.43
CA GLY B 273 -37.62 -2.22 8.27
C GLY B 273 -36.35 -2.36 7.48
N THR B 274 -36.30 -1.63 6.36
CA THR B 274 -35.16 -1.64 5.45
C THR B 274 -34.61 -0.23 5.31
N GLU B 275 -33.56 -0.11 4.50
CA GLU B 275 -32.87 1.16 4.32
C GLU B 275 -33.58 2.04 3.30
N MET B 276 -33.08 3.26 3.14
CA MET B 276 -33.59 4.21 2.16
C MET B 276 -32.71 4.24 0.93
N SER B 277 -33.33 4.43 -0.23
CA SER B 277 -32.63 4.69 -1.47
C SER B 277 -33.26 5.91 -2.14
N ALA B 278 -32.51 6.50 -3.07
CA ALA B 278 -33.02 7.66 -3.80
C ALA B 278 -34.23 7.31 -4.65
N ASP B 279 -34.42 6.02 -4.97
CA ASP B 279 -35.58 5.60 -5.75
C ASP B 279 -36.87 5.76 -4.96
N ILE B 280 -36.85 5.35 -3.69
CA ILE B 280 -38.07 5.36 -2.88
C ILE B 280 -38.57 6.79 -2.70
N ALA B 281 -37.67 7.72 -2.40
CA ALA B 281 -38.08 9.11 -2.19
C ALA B 281 -38.67 9.71 -3.45
N LYS B 282 -38.13 9.35 -4.62
CA LYS B 282 -38.69 9.84 -5.88
C LYS B 282 -40.11 9.34 -6.10
N ALA B 283 -40.36 8.06 -5.79
CA ALA B 283 -41.70 7.51 -5.94
C ALA B 283 -42.67 8.17 -4.96
N PHE B 284 -42.24 8.43 -3.74
CA PHE B 284 -43.08 8.99 -2.71
C PHE B 284 -43.02 10.51 -2.63
N ASN B 285 -42.25 11.16 -3.51
CA ASN B 285 -42.08 12.61 -3.52
C ASN B 285 -41.56 13.11 -2.16
N LEU B 286 -40.36 12.65 -1.82
CA LEU B 286 -39.72 13.02 -0.56
C LEU B 286 -38.37 13.67 -0.84
N ASP B 287 -38.08 14.72 -0.08
CA ASP B 287 -36.82 15.44 -0.25
C ASP B 287 -35.63 14.69 0.33
N VAL B 288 -35.86 13.84 1.34
CA VAL B 288 -34.80 13.14 2.05
C VAL B 288 -34.60 11.78 1.42
N GLN B 289 -33.36 11.43 1.11
CA GLN B 289 -33.02 10.16 0.49
C GLN B 289 -32.11 9.30 1.35
N ARG B 290 -31.82 9.72 2.58
CA ARG B 290 -31.03 8.93 3.52
C ARG B 290 -31.82 8.77 4.81
N GLY B 291 -32.03 7.53 5.22
CA GLY B 291 -32.79 7.26 6.43
C GLY B 291 -33.18 5.79 6.49
N ALA B 292 -34.18 5.52 7.32
CA ALA B 292 -34.69 4.16 7.54
C ALA B 292 -36.15 4.08 7.12
N PHE B 293 -36.49 2.99 6.44
CA PHE B 293 -37.85 2.74 5.96
C PHE B 293 -38.54 1.76 6.89
N VAL B 294 -39.63 2.18 7.51
CA VAL B 294 -40.38 1.33 8.41
C VAL B 294 -41.29 0.42 7.59
N SER B 295 -41.18 -0.89 7.81
CA SER B 295 -41.96 -1.86 7.06
C SER B 295 -42.97 -2.62 7.91
N GLU B 296 -42.78 -2.70 9.23
CA GLU B 296 -43.69 -3.44 10.09
C GLU B 296 -43.46 -3.01 11.54
N VAL B 297 -44.56 -2.84 12.27
CA VAL B 297 -44.50 -2.49 13.69
C VAL B 297 -45.02 -3.68 14.48
N LEU B 298 -44.14 -4.29 15.27
CA LEU B 298 -44.55 -5.44 16.06
C LEU B 298 -45.45 -5.01 17.22
N PRO B 299 -46.47 -5.79 17.56
CA PRO B 299 -47.37 -5.42 18.65
C PRO B 299 -46.71 -5.59 20.01
N GLY B 300 -47.06 -4.69 20.94
CA GLY B 300 -46.56 -4.75 22.29
C GLY B 300 -45.21 -4.11 22.51
N SER B 301 -44.56 -3.63 21.45
CA SER B 301 -43.26 -3.00 21.58
C SER B 301 -43.40 -1.56 22.06
N GLY B 302 -42.30 -1.01 22.54
CA GLY B 302 -42.29 0.39 22.96
C GLY B 302 -42.59 1.34 21.82
N SER B 303 -42.16 1.00 20.60
CA SER B 303 -42.48 1.81 19.44
C SER B 303 -43.97 1.81 19.17
N ALA B 304 -44.63 0.66 19.35
CA ALA B 304 -46.07 0.58 19.14
C ALA B 304 -46.81 1.47 20.13
N LYS B 305 -46.37 1.49 21.39
CA LYS B 305 -46.97 2.40 22.37
C LYS B 305 -46.68 3.85 22.03
N ALA B 306 -45.51 4.13 21.43
CA ALA B 306 -45.15 5.50 21.09
C ALA B 306 -46.11 6.09 20.06
N GLY B 307 -46.45 5.32 19.03
CA GLY B 307 -47.39 5.78 18.04
C GLY B 307 -46.87 5.75 16.62
N VAL B 308 -45.81 4.98 16.37
CA VAL B 308 -45.28 4.85 15.02
C VAL B 308 -46.01 3.75 14.28
N LYS B 309 -46.19 3.94 12.97
CA LYS B 309 -46.93 3.01 12.14
C LYS B 309 -46.08 2.63 10.94
N ALA B 310 -46.63 1.75 10.11
CA ALA B 310 -45.94 1.34 8.89
C ALA B 310 -45.84 2.51 7.92
N GLY B 311 -44.80 2.49 7.10
CA GLY B 311 -44.55 3.56 6.16
C GLY B 311 -43.83 4.76 6.72
N ASP B 312 -43.47 4.74 8.00
CA ASP B 312 -42.75 5.86 8.60
C ASP B 312 -41.31 5.91 8.08
N ILE B 313 -40.76 7.12 8.03
CA ILE B 313 -39.39 7.35 7.57
C ILE B 313 -38.63 8.00 8.71
N ILE B 314 -37.50 7.39 9.09
CA ILE B 314 -36.67 7.91 10.16
C ILE B 314 -35.56 8.75 9.55
N THR B 315 -35.43 9.99 10.02
CA THR B 315 -34.47 10.94 9.48
C THR B 315 -33.46 11.43 10.49
N SER B 316 -33.86 11.67 11.73
CA SER B 316 -32.98 12.20 12.75
C SER B 316 -33.08 11.37 14.02
N LEU B 317 -31.95 11.23 14.71
CA LEU B 317 -31.86 10.50 15.97
C LEU B 317 -31.16 11.38 16.99
N ASN B 318 -31.89 11.77 18.04
CA ASN B 318 -31.37 12.65 19.08
C ASN B 318 -30.82 13.95 18.50
N GLY B 319 -31.50 14.47 17.48
CA GLY B 319 -31.09 15.70 16.83
C GLY B 319 -29.92 15.56 15.88
N LYS B 320 -29.43 14.34 15.65
CA LYS B 320 -28.30 14.09 14.78
C LYS B 320 -28.74 13.30 13.57
N PRO B 321 -28.42 13.74 12.34
CA PRO B 321 -28.86 13.01 11.16
C PRO B 321 -28.06 11.72 10.97
N LEU B 322 -28.77 10.67 10.54
CA LEU B 322 -28.16 9.38 10.27
C LEU B 322 -28.10 9.15 8.77
N ASN B 323 -26.95 8.67 8.29
CA ASN B 323 -26.71 8.49 6.87
C ASN B 323 -27.04 7.09 6.36
N SER B 324 -27.44 6.17 7.23
CA SER B 324 -27.74 4.81 6.79
C SER B 324 -28.61 4.13 7.85
N PHE B 325 -29.17 2.99 7.46
CA PHE B 325 -29.99 2.21 8.37
C PHE B 325 -29.15 1.43 9.37
N ALA B 326 -27.96 0.98 8.96
CA ALA B 326 -27.10 0.22 9.87
C ALA B 326 -26.63 1.08 11.04
N GLU B 327 -26.52 2.38 10.83
CA GLU B 327 -26.13 3.27 11.93
C GLU B 327 -27.16 3.26 13.04
N LEU B 328 -28.45 3.26 12.68
CA LEU B 328 -29.51 3.20 13.69
C LEU B 328 -29.46 1.89 14.46
N ARG B 329 -29.19 0.79 13.78
CA ARG B 329 -29.12 -0.51 14.44
C ARG B 329 -28.00 -0.55 15.47
N SER B 330 -26.84 0.02 15.13
CA SER B 330 -25.69 -0.04 16.02
C SER B 330 -25.87 0.87 17.23
N ARG B 331 -26.38 2.08 17.02
CA ARG B 331 -26.55 3.01 18.14
C ARG B 331 -27.62 2.52 19.11
N ILE B 332 -28.71 1.96 18.58
CA ILE B 332 -29.78 1.48 19.45
C ILE B 332 -29.34 0.25 20.23
N ALA B 333 -28.67 -0.69 19.57
CA ALA B 333 -28.26 -1.92 20.24
C ALA B 333 -27.26 -1.63 21.35
N THR B 334 -26.33 -0.70 21.12
CA THR B 334 -25.36 -0.34 22.15
C THR B 334 -26.05 0.27 23.37
N THR B 335 -27.04 1.13 23.15
CA THR B 335 -27.72 1.79 24.25
C THR B 335 -28.44 0.77 25.12
N GLU B 336 -28.34 0.96 26.43
CA GLU B 336 -28.95 0.03 27.37
C GLU B 336 -30.46 0.17 27.36
N PRO B 337 -31.20 -0.87 27.71
CA PRO B 337 -32.67 -0.80 27.71
C PRO B 337 -33.18 0.20 28.73
N GLY B 338 -34.36 0.76 28.46
CA GLY B 338 -35.00 1.71 29.34
C GLY B 338 -34.72 3.15 29.03
N THR B 339 -33.82 3.44 28.09
CA THR B 339 -33.52 4.82 27.74
C THR B 339 -34.68 5.46 26.99
N LYS B 340 -34.89 6.76 27.24
CA LYS B 340 -35.84 7.52 26.45
C LYS B 340 -35.11 8.31 25.38
N VAL B 341 -35.50 8.12 24.12
CA VAL B 341 -34.84 8.73 22.97
C VAL B 341 -35.87 9.44 22.12
N LYS B 342 -35.38 10.37 21.31
CA LYS B 342 -36.22 11.15 20.41
C LYS B 342 -35.90 10.79 18.96
N LEU B 343 -36.94 10.74 18.12
CA LEU B 343 -36.80 10.35 16.73
C LEU B 343 -37.50 11.36 15.85
N GLY B 344 -36.82 11.79 14.79
CA GLY B 344 -37.40 12.68 13.80
C GLY B 344 -37.90 11.88 12.62
N LEU B 345 -39.21 11.93 12.39
CA LEU B 345 -39.87 11.10 11.39
C LEU B 345 -40.66 11.97 10.42
N LEU B 346 -40.89 11.43 9.23
CA LEU B 346 -41.73 12.05 8.22
C LEU B 346 -42.96 11.18 7.99
N ARG B 347 -44.13 11.82 7.97
CA ARG B 347 -45.41 11.14 7.77
C ARG B 347 -46.14 11.82 6.63
N ASN B 348 -46.09 11.20 5.45
CA ASN B 348 -46.67 11.76 4.23
C ASN B 348 -46.12 13.16 3.96
N GLY B 349 -44.83 13.34 4.22
CA GLY B 349 -44.17 14.61 4.01
C GLY B 349 -44.24 15.57 5.18
N LYS B 350 -44.95 15.22 6.26
CA LYS B 350 -45.06 16.10 7.42
C LYS B 350 -44.15 15.62 8.53
N PRO B 351 -43.13 16.37 8.90
CA PRO B 351 -42.23 15.94 9.97
C PRO B 351 -42.88 16.04 11.34
N LEU B 352 -42.62 15.04 12.18
CA LEU B 352 -43.09 15.02 13.55
C LEU B 352 -42.04 14.40 14.44
N GLU B 353 -42.27 14.50 15.75
CA GLU B 353 -41.32 14.01 16.76
C GLU B 353 -42.03 13.02 17.68
N VAL B 354 -41.35 11.91 17.98
CA VAL B 354 -41.92 10.83 18.77
C VAL B 354 -40.88 10.34 19.77
N GLU B 355 -41.31 10.14 21.02
CA GLU B 355 -40.46 9.61 22.08
C GLU B 355 -40.71 8.10 22.20
N VAL B 356 -39.63 7.33 22.23
CA VAL B 356 -39.70 5.87 22.29
C VAL B 356 -38.81 5.38 23.43
N THR B 357 -39.27 4.34 24.11
CA THR B 357 -38.49 3.67 25.14
C THR B 357 -38.07 2.29 24.65
N LEU B 358 -36.77 2.01 24.72
CA LEU B 358 -36.23 0.76 24.21
C LEU B 358 -36.60 -0.41 25.12
N ASP B 359 -36.83 -1.57 24.49
CA ASP B 359 -37.13 -2.80 25.21
C ASP B 359 -35.85 -3.57 25.48
N THR B 360 -35.98 -4.83 25.89
CA THR B 360 -34.85 -5.69 26.18
C THR B 360 -34.89 -6.91 25.28
N SER B 361 -33.73 -7.28 24.73
CA SER B 361 -33.61 -8.46 23.88
C SER B 361 -33.98 -9.74 24.63
N PRO C 38 4.68 29.61 -0.71
CA PRO C 38 3.66 29.80 0.33
C PRO C 38 3.13 28.48 0.87
N LEU C 39 2.75 27.58 -0.03
CA LEU C 39 2.25 26.29 0.37
C LEU C 39 3.35 25.46 1.02
N PRO C 40 3.02 24.63 2.02
CA PRO C 40 4.01 23.75 2.62
C PRO C 40 4.23 22.53 1.74
N SER C 41 5.40 22.45 1.11
CA SER C 41 5.67 21.39 0.15
C SER C 41 7.05 20.81 0.43
N LEU C 42 7.25 19.58 -0.05
CA LEU C 42 8.51 18.88 0.08
C LEU C 42 9.48 19.19 -1.05
N ALA C 43 9.05 19.97 -2.05
CA ALA C 43 9.88 20.24 -3.22
C ALA C 43 11.21 20.92 -2.90
N PRO C 44 11.27 21.97 -2.05
CA PRO C 44 12.56 22.67 -1.89
C PRO C 44 13.70 21.78 -1.41
N MET C 45 13.41 20.77 -0.59
CA MET C 45 14.47 19.88 -0.14
C MET C 45 14.93 18.93 -1.24
N LEU C 46 14.01 18.44 -2.06
CA LEU C 46 14.35 17.43 -3.06
C LEU C 46 15.12 18.01 -4.24
N GLU C 47 15.00 19.33 -4.48
CA GLU C 47 15.65 19.90 -5.65
C GLU C 47 17.16 19.77 -5.57
N LYS C 48 17.74 20.00 -4.40
CA LYS C 48 19.18 19.90 -4.20
C LYS C 48 19.64 18.49 -3.86
N VAL C 49 18.71 17.54 -3.68
CA VAL C 49 19.06 16.20 -3.25
C VAL C 49 18.80 15.15 -4.33
N LEU C 50 17.75 15.31 -5.13
CA LEU C 50 17.36 14.30 -6.11
C LEU C 50 18.48 13.84 -7.05
N PRO C 51 19.28 14.72 -7.66
CA PRO C 51 20.31 14.23 -8.60
C PRO C 51 21.48 13.52 -7.93
N ALA C 52 21.52 13.45 -6.60
CA ALA C 52 22.58 12.71 -5.93
C ALA C 52 22.37 11.21 -6.02
N VAL C 53 21.12 10.76 -6.12
CA VAL C 53 20.79 9.34 -6.21
C VAL C 53 20.79 8.93 -7.67
N VAL C 54 21.39 7.78 -7.96
CA VAL C 54 21.52 7.27 -9.33
C VAL C 54 20.96 5.85 -9.38
N SER C 55 20.73 5.39 -10.60
CA SER C 55 20.28 4.03 -10.84
C SER C 55 21.45 3.15 -11.27
N VAL C 56 21.22 1.84 -11.24
CA VAL C 56 22.24 0.86 -11.60
C VAL C 56 21.61 -0.23 -12.45
N ARG C 57 22.22 -0.54 -13.58
CA ARG C 57 21.80 -1.63 -14.45
C ARG C 57 22.84 -2.74 -14.41
N VAL C 58 22.39 -3.98 -14.25
CA VAL C 58 23.26 -5.14 -14.17
C VAL C 58 22.94 -6.06 -15.33
N GLU C 59 23.96 -6.43 -16.10
CA GLU C 59 23.80 -7.34 -17.22
C GLU C 59 24.86 -8.44 -17.12
N GLY C 60 24.53 -9.62 -17.63
CA GLY C 60 25.46 -10.73 -17.60
C GLY C 60 24.70 -12.05 -17.53
N THR C 61 25.34 -13.03 -16.89
CA THR C 61 24.76 -14.35 -16.73
C THR C 61 24.62 -14.73 -15.26
N GLN C 86 22.64 -18.50 -18.90
CA GLN C 86 21.69 -17.70 -19.66
C GLN C 86 21.79 -16.22 -19.25
N PRO C 87 21.61 -15.31 -20.21
CA PRO C 87 21.66 -13.89 -19.90
C PRO C 87 20.52 -13.49 -18.96
N PHE C 88 20.80 -12.50 -18.12
CA PHE C 88 19.78 -11.93 -17.24
C PHE C 88 20.07 -10.44 -17.06
N GLU C 89 19.02 -9.67 -16.78
CA GLU C 89 19.12 -8.24 -16.62
C GLU C 89 18.66 -7.86 -15.22
N GLY C 90 19.44 -7.00 -14.56
CA GLY C 90 19.11 -6.52 -13.24
C GLY C 90 18.85 -5.01 -13.24
N LEU C 91 18.47 -4.51 -12.07
CA LEU C 91 18.17 -3.10 -11.92
C LEU C 91 18.18 -2.75 -10.44
N GLY C 92 18.67 -1.56 -10.13
CA GLY C 92 18.74 -1.12 -8.75
C GLY C 92 19.01 0.35 -8.66
N SER C 93 19.41 0.79 -7.47
CA SER C 93 19.71 2.19 -7.23
C SER C 93 20.94 2.30 -6.34
N GLY C 94 21.50 3.51 -6.28
CA GLY C 94 22.68 3.76 -5.47
C GLY C 94 22.75 5.21 -5.07
N VAL C 95 23.62 5.50 -4.11
CA VAL C 95 23.79 6.84 -3.58
C VAL C 95 25.25 7.24 -3.73
N ILE C 96 25.48 8.44 -4.23
CA ILE C 96 26.84 8.96 -4.41
C ILE C 96 27.32 9.55 -3.09
N ILE C 97 28.48 9.10 -2.63
CA ILE C 97 29.06 9.52 -1.35
C ILE C 97 30.07 10.64 -1.55
N ASN C 98 31.04 10.44 -2.44
CA ASN C 98 32.09 11.43 -2.70
C ASN C 98 31.97 11.90 -4.14
N ALA C 99 31.78 13.21 -4.32
CA ALA C 99 31.63 13.76 -5.65
C ALA C 99 32.95 13.90 -6.39
N SER C 100 34.05 14.11 -5.67
CA SER C 100 35.34 14.36 -6.32
C SER C 100 35.79 13.16 -7.14
N LYS C 101 35.64 11.95 -6.59
CA LYS C 101 36.07 10.74 -7.28
C LYS C 101 34.92 9.88 -7.78
N GLY C 102 33.70 10.09 -7.27
CA GLY C 102 32.55 9.36 -7.76
C GLY C 102 32.36 8.00 -7.13
N TYR C 103 32.28 7.95 -5.80
CA TYR C 103 32.00 6.72 -5.09
C TYR C 103 30.49 6.59 -4.88
N VAL C 104 29.91 5.53 -5.43
CA VAL C 104 28.49 5.23 -5.27
C VAL C 104 28.36 3.98 -4.42
N LEU C 105 27.27 3.88 -3.67
CA LEU C 105 27.02 2.79 -2.75
C LEU C 105 25.75 2.05 -3.14
N THR C 106 25.84 0.72 -3.18
CA THR C 106 24.70 -0.11 -3.53
C THR C 106 24.70 -1.35 -2.65
N ASN C 107 23.80 -2.28 -2.93
CA ASN C 107 23.71 -3.52 -2.19
C ASN C 107 24.44 -4.63 -2.94
N ASN C 108 25.09 -5.52 -2.18
CA ASN C 108 25.90 -6.56 -2.79
C ASN C 108 25.06 -7.52 -3.62
N HIS C 109 23.86 -7.85 -3.16
CA HIS C 109 23.03 -8.82 -3.87
C HIS C 109 22.61 -8.31 -5.24
N VAL C 110 22.67 -7.00 -5.47
CA VAL C 110 22.41 -6.48 -6.81
C VAL C 110 23.49 -6.94 -7.78
N ILE C 111 24.75 -6.88 -7.35
CA ILE C 111 25.88 -7.16 -8.23
C ILE C 111 26.59 -8.44 -7.81
N ASN C 112 25.84 -9.37 -7.22
CA ASN C 112 26.45 -10.64 -6.81
C ASN C 112 26.90 -11.45 -8.01
N GLN C 113 26.25 -11.28 -9.16
CA GLN C 113 26.59 -11.97 -10.39
C GLN C 113 26.60 -11.00 -11.56
N ALA C 114 27.27 -9.86 -11.39
CA ALA C 114 27.27 -8.81 -12.39
C ALA C 114 28.54 -8.88 -13.24
N GLN C 115 28.34 -8.83 -14.55
CA GLN C 115 29.45 -8.75 -15.50
C GLN C 115 29.74 -7.31 -15.95
N LYS C 116 28.71 -6.55 -16.29
CA LYS C 116 28.85 -5.16 -16.66
C LYS C 116 27.86 -4.33 -15.85
N ILE C 117 28.34 -3.22 -15.30
CA ILE C 117 27.55 -2.36 -14.43
C ILE C 117 27.46 -0.98 -15.06
N SER C 118 26.25 -0.48 -15.23
CA SER C 118 26.03 0.83 -15.83
C SER C 118 25.24 1.71 -14.89
N ILE C 119 25.59 3.00 -14.88
CA ILE C 119 24.99 3.97 -13.98
C ILE C 119 24.51 5.15 -14.80
N GLN C 120 23.25 5.55 -14.61
CA GLN C 120 22.68 6.71 -15.28
C GLN C 120 22.17 7.68 -14.23
N LEU C 121 22.49 8.96 -14.41
CA LEU C 121 21.97 10.00 -13.54
C LEU C 121 20.50 10.26 -13.87
N ASN C 122 19.92 11.25 -13.20
CA ASN C 122 18.55 11.63 -13.50
C ASN C 122 18.44 12.41 -14.80
N ASP C 123 19.54 13.01 -15.27
CA ASP C 123 19.52 13.76 -16.52
C ASP C 123 19.68 12.87 -17.75
N GLY C 124 20.00 11.59 -17.57
CA GLY C 124 20.17 10.67 -18.66
C GLY C 124 21.61 10.33 -18.98
N ARG C 125 22.56 11.12 -18.49
CA ARG C 125 23.98 10.83 -18.72
C ARG C 125 24.32 9.48 -18.11
N GLU C 126 25.06 8.66 -18.87
CA GLU C 126 25.37 7.30 -18.48
C GLU C 126 26.88 7.14 -18.34
N PHE C 127 27.30 6.47 -17.28
CA PHE C 127 28.69 6.12 -17.03
C PHE C 127 28.81 4.59 -16.85
N ASP C 128 30.02 4.15 -16.52
CA ASP C 128 30.31 2.76 -16.19
C ASP C 128 31.12 2.72 -14.90
N ALA C 129 30.96 1.64 -14.16
CA ALA C 129 31.56 1.53 -12.84
C ALA C 129 32.20 0.14 -12.67
N LYS C 130 33.23 0.10 -11.85
CA LYS C 130 33.91 -1.14 -11.50
C LYS C 130 33.81 -1.38 -10.00
N LEU C 131 33.72 -2.66 -9.63
CA LEU C 131 33.45 -3.03 -8.25
C LEU C 131 34.73 -2.89 -7.43
N ILE C 132 34.74 -1.91 -6.52
CA ILE C 132 35.89 -1.73 -5.64
C ILE C 132 35.97 -2.86 -4.64
N GLY C 133 34.84 -3.21 -4.02
CA GLY C 133 34.79 -4.28 -3.05
C GLY C 133 33.39 -4.48 -2.52
N SER C 134 33.16 -5.61 -1.84
CA SER C 134 31.82 -5.93 -1.34
C SER C 134 31.95 -6.67 -0.02
N ASP C 135 30.86 -6.62 0.75
CA ASP C 135 30.74 -7.34 2.01
C ASP C 135 29.51 -8.24 1.94
N ASP C 136 29.73 -9.55 2.11
CA ASP C 136 28.63 -10.51 1.95
C ASP C 136 27.68 -10.46 3.14
N GLN C 137 28.22 -10.33 4.35
CA GLN C 137 27.37 -10.42 5.55
C GLN C 137 26.44 -9.23 5.65
N SER C 138 26.98 -8.01 5.51
CA SER C 138 26.16 -6.81 5.63
C SER C 138 25.43 -6.46 4.33
N ASP C 139 25.71 -7.15 3.24
CA ASP C 139 25.06 -6.92 1.95
C ASP C 139 25.24 -5.48 1.50
N ILE C 140 26.47 -5.01 1.52
CA ILE C 140 26.82 -3.65 1.11
C ILE C 140 28.02 -3.74 0.18
N ALA C 141 27.94 -3.04 -0.95
CA ALA C 141 29.03 -2.98 -1.92
C ALA C 141 29.23 -1.54 -2.37
N LEU C 142 30.44 -1.24 -2.82
CA LEU C 142 30.81 0.10 -3.25
C LEU C 142 31.34 0.04 -4.69
N LEU C 143 30.98 1.02 -5.50
CA LEU C 143 31.37 1.08 -6.90
C LEU C 143 32.05 2.40 -7.20
N GLN C 144 32.94 2.39 -8.19
CA GLN C 144 33.70 3.57 -8.60
C GLN C 144 33.32 3.95 -10.04
N ILE C 145 32.84 5.17 -10.21
CA ILE C 145 32.47 5.65 -11.55
C ILE C 145 33.71 6.25 -12.21
N GLN C 146 34.06 5.73 -13.39
CA GLN C 146 35.19 6.27 -14.14
C GLN C 146 34.74 7.47 -14.97
N ASN C 147 35.68 8.38 -15.23
CA ASN C 147 35.56 9.74 -15.75
C ASN C 147 34.43 10.47 -15.03
N PRO C 148 34.59 10.79 -13.75
CA PRO C 148 33.55 11.55 -13.06
C PRO C 148 33.60 13.02 -13.48
N SER C 149 32.42 13.59 -13.68
CA SER C 149 32.32 14.93 -14.25
C SER C 149 31.02 15.56 -13.79
N LYS C 150 31.12 16.58 -12.93
CA LYS C 150 29.97 17.34 -12.43
C LYS C 150 28.97 16.40 -11.73
N LEU C 151 29.46 15.79 -10.65
CA LEU C 151 28.66 14.89 -9.84
C LEU C 151 28.32 15.55 -8.50
N THR C 152 27.22 15.10 -7.92
CA THR C 152 26.72 15.64 -6.66
C THR C 152 26.69 14.53 -5.60
N GLN C 153 27.10 14.88 -4.39
CA GLN C 153 27.17 13.94 -3.28
C GLN C 153 26.10 14.28 -2.25
N ILE C 154 25.82 13.32 -1.38
CA ILE C 154 24.81 13.47 -0.34
C ILE C 154 25.49 13.49 1.02
N ALA C 155 24.82 14.11 1.98
CA ALA C 155 25.31 14.15 3.35
C ALA C 155 24.95 12.86 4.08
N ILE C 156 25.63 12.63 5.19
CA ILE C 156 25.43 11.43 6.01
C ILE C 156 25.03 11.89 7.41
N ALA C 157 23.89 11.41 7.90
CA ALA C 157 23.42 11.70 9.23
C ALA C 157 23.70 10.52 10.16
N ASP C 158 23.46 10.73 11.45
CA ASP C 158 23.71 9.72 12.47
C ASP C 158 22.40 9.02 12.79
N SER C 159 22.32 7.72 12.46
CA SER C 159 21.12 6.94 12.74
C SER C 159 20.97 6.62 14.22
N ASP C 160 22.00 6.87 15.04
CA ASP C 160 21.87 6.60 16.47
C ASP C 160 20.90 7.57 17.13
N LYS C 161 20.70 8.74 16.54
CA LYS C 161 19.76 9.73 17.08
C LYS C 161 18.34 9.50 16.61
N LEU C 162 18.11 8.52 15.75
CA LEU C 162 16.78 8.29 15.19
C LEU C 162 15.84 7.72 16.24
N ARG C 163 14.55 8.08 16.10
CA ARG C 163 13.52 7.63 17.01
C ARG C 163 12.27 7.26 16.22
N VAL C 164 11.41 6.47 16.85
CA VAL C 164 10.14 6.11 16.22
C VAL C 164 9.26 7.36 16.12
N GLY C 165 8.75 7.63 14.93
CA GLY C 165 7.93 8.79 14.68
C GLY C 165 8.56 9.86 13.81
N ASP C 166 9.78 9.65 13.33
CA ASP C 166 10.42 10.59 12.43
C ASP C 166 9.94 10.35 11.00
N PHE C 167 9.86 11.43 10.23
CA PHE C 167 9.44 11.33 8.83
C PHE C 167 10.63 10.93 7.95
N ALA C 168 10.35 10.08 6.96
CA ALA C 168 11.37 9.60 6.05
C ALA C 168 10.83 9.58 4.63
N VAL C 169 11.69 9.87 3.67
CA VAL C 169 11.34 9.87 2.25
C VAL C 169 12.27 8.91 1.53
N ALA C 170 11.69 7.97 0.79
CA ALA C 170 12.46 6.94 0.11
C ALA C 170 12.42 7.18 -1.39
N VAL C 171 13.60 7.30 -2.00
CA VAL C 171 13.74 7.45 -3.44
C VAL C 171 14.34 6.17 -4.00
N GLY C 172 14.10 5.92 -5.28
CA GLY C 172 14.62 4.72 -5.88
C GLY C 172 14.15 4.55 -7.30
N ASN C 173 14.17 3.29 -7.75
CA ASN C 173 13.80 2.93 -9.12
C ASN C 173 12.81 1.77 -9.07
N PRO C 174 11.55 2.06 -8.76
CA PRO C 174 10.56 0.97 -8.63
C PRO C 174 10.02 0.53 -9.99
N PHE C 175 10.13 -0.76 -10.26
CA PHE C 175 9.58 -1.39 -11.47
C PHE C 175 10.13 -0.79 -12.76
N GLY C 176 11.33 -0.21 -12.71
CA GLY C 176 11.90 0.40 -13.89
C GLY C 176 11.14 1.59 -14.43
N LEU C 177 10.56 2.40 -13.54
CA LEU C 177 9.78 3.55 -13.96
C LEU C 177 10.60 4.84 -13.99
N GLY C 178 11.78 4.85 -13.38
CA GLY C 178 12.60 6.04 -13.29
C GLY C 178 12.98 6.31 -11.85
N GLN C 179 13.04 7.59 -11.51
CA GLN C 179 13.39 8.01 -10.16
C GLN C 179 12.14 8.57 -9.48
N THR C 180 11.60 7.81 -8.53
CA THR C 180 10.37 8.16 -7.84
C THR C 180 10.63 8.32 -6.35
N ALA C 181 10.02 9.34 -5.75
CA ALA C 181 10.15 9.61 -4.33
C ALA C 181 8.81 9.38 -3.64
N THR C 182 8.82 8.59 -2.57
CA THR C 182 7.65 8.29 -1.79
C THR C 182 7.87 8.69 -0.34
N SER C 183 6.78 8.96 0.37
CA SER C 183 6.82 9.43 1.74
C SER C 183 6.55 8.29 2.72
N GLY C 184 6.85 8.57 3.99
CA GLY C 184 6.64 7.58 5.03
C GLY C 184 7.24 8.04 6.33
N ILE C 185 7.17 7.18 7.34
CA ILE C 185 7.74 7.44 8.65
C ILE C 185 8.55 6.22 9.09
N VAL C 186 9.22 6.35 10.22
CA VAL C 186 10.01 5.28 10.80
C VAL C 186 9.12 4.48 11.73
N SER C 187 8.82 3.23 11.36
CA SER C 187 7.93 2.41 12.16
C SER C 187 8.63 1.96 13.44
N ALA C 188 9.72 1.21 13.30
CA ALA C 188 10.48 0.75 14.46
C ALA C 188 11.93 0.54 14.04
N LEU C 189 12.82 0.55 15.03
CA LEU C 189 14.24 0.38 14.82
C LEU C 189 14.73 -0.90 15.47
N GLY C 190 15.86 -1.39 14.98
CA GLY C 190 16.46 -2.58 15.56
C GLY C 190 15.78 -3.88 15.22
N ARG C 191 14.96 -3.91 14.18
CA ARG C 191 14.30 -5.15 13.79
C ARG C 191 15.32 -6.16 13.27
N SER C 192 15.11 -7.42 13.62
CA SER C 192 16.04 -8.48 13.25
C SER C 192 15.27 -9.79 13.13
N GLY C 193 16.00 -10.88 12.97
CA GLY C 193 15.41 -12.20 12.86
C GLY C 193 14.57 -12.41 11.62
N LEU C 194 15.01 -11.87 10.49
CA LEU C 194 14.31 -12.03 9.22
C LEU C 194 15.00 -12.97 8.25
N ASN C 195 15.93 -13.80 8.75
CA ASN C 195 16.65 -14.81 7.95
C ASN C 195 17.11 -14.25 6.60
N LEU C 196 17.57 -13.00 6.61
CA LEU C 196 18.04 -12.32 5.41
C LEU C 196 19.55 -12.34 5.30
N GLU C 197 20.26 -11.80 6.29
CA GLU C 197 21.71 -11.66 6.25
C GLU C 197 22.31 -12.22 7.53
N GLY C 198 23.64 -12.25 7.57
CA GLY C 198 24.32 -12.65 8.79
C GLY C 198 24.11 -11.66 9.93
N LEU C 199 24.19 -10.36 9.62
CA LEU C 199 24.01 -9.30 10.60
C LEU C 199 22.76 -8.51 10.23
N GLU C 200 21.84 -8.37 11.20
CA GLU C 200 20.57 -7.70 10.97
C GLU C 200 20.36 -6.64 12.04
N ASN C 201 20.42 -5.38 11.64
CA ASN C 201 20.11 -4.25 12.51
C ASN C 201 19.27 -3.24 11.72
N PHE C 202 18.28 -3.74 11.00
CA PHE C 202 17.54 -2.94 10.05
C PHE C 202 16.71 -1.87 10.74
N ILE C 203 16.47 -0.78 10.01
CA ILE C 203 15.46 0.21 10.35
C ILE C 203 14.25 -0.04 9.49
N GLN C 204 13.10 -0.26 10.11
CA GLN C 204 11.87 -0.55 9.38
C GLN C 204 11.07 0.73 9.20
N THR C 205 10.63 0.98 7.98
CA THR C 205 9.86 2.18 7.65
C THR C 205 8.64 1.79 6.84
N ASP C 206 7.60 2.62 6.93
CA ASP C 206 6.33 2.33 6.29
C ASP C 206 6.25 2.90 4.88
N ALA C 207 7.27 3.61 4.41
CA ALA C 207 7.26 4.14 3.06
C ALA C 207 7.16 3.00 2.04
N SER C 208 6.26 3.16 1.08
CA SER C 208 5.99 2.11 0.10
C SER C 208 7.19 1.98 -0.83
N ILE C 209 7.99 0.93 -0.62
CA ILE C 209 9.14 0.63 -1.47
C ILE C 209 8.89 -0.72 -2.14
N ASN C 210 9.26 -0.82 -3.41
CA ASN C 210 8.94 -2.00 -4.20
C ASN C 210 10.20 -2.61 -4.83
N ARG C 211 10.02 -3.57 -5.73
CA ARG C 211 11.16 -4.17 -6.42
C ARG C 211 11.88 -3.12 -7.24
N GLY C 212 13.21 -3.22 -7.28
CA GLY C 212 14.03 -2.24 -7.94
C GLY C 212 14.46 -1.08 -7.07
N ASN C 213 13.96 -0.99 -5.84
CA ASN C 213 14.35 0.05 -4.90
C ASN C 213 15.55 -0.36 -4.05
N ALA C 214 16.08 -1.57 -4.24
CA ALA C 214 17.23 -2.03 -3.48
C ALA C 214 18.42 -1.10 -3.71
N GLY C 215 19.15 -0.80 -2.64
CA GLY C 215 20.25 0.14 -2.75
C GLY C 215 19.82 1.59 -2.86
N GLY C 216 18.55 1.89 -2.58
CA GLY C 216 18.05 3.25 -2.72
C GLY C 216 18.52 4.16 -1.60
N ALA C 217 17.68 5.11 -1.22
CA ALA C 217 18.03 6.07 -0.19
C ALA C 217 16.83 6.35 0.71
N LEU C 218 17.12 6.74 1.94
CA LEU C 218 16.13 7.26 2.87
C LEU C 218 16.60 8.61 3.37
N LEU C 219 15.73 9.60 3.26
CA LEU C 219 16.10 10.97 3.56
C LEU C 219 15.19 11.54 4.64
N ASN C 220 15.78 12.24 5.60
CA ASN C 220 15.01 12.96 6.60
C ASN C 220 14.44 14.24 5.98
N LEU C 221 13.86 15.10 6.81
CA LEU C 221 13.27 16.33 6.29
C LEU C 221 14.33 17.32 5.83
N ASN C 222 15.61 17.07 6.13
CA ASN C 222 16.70 17.95 5.72
C ASN C 222 17.45 17.37 4.52
N GLY C 223 17.24 16.09 4.22
CA GLY C 223 17.84 15.46 3.07
C GLY C 223 19.07 14.62 3.33
N GLU C 224 19.47 14.46 4.58
CA GLU C 224 20.64 13.65 4.92
C GLU C 224 20.27 12.18 4.95
N LEU C 225 21.14 11.35 4.39
CA LEU C 225 20.88 9.91 4.33
C LEU C 225 20.84 9.30 5.72
N ILE C 226 19.80 8.49 5.97
CA ILE C 226 19.66 7.82 7.25
C ILE C 226 19.34 6.34 7.06
N GLY C 227 19.49 5.83 5.84
CA GLY C 227 19.19 4.44 5.59
C GLY C 227 19.49 4.05 4.16
N ILE C 228 19.42 2.75 3.91
CA ILE C 228 19.62 2.16 2.59
C ILE C 228 18.63 1.01 2.45
N ASN C 229 17.64 1.16 1.57
CA ASN C 229 16.60 0.14 1.41
C ASN C 229 17.21 -1.19 1.00
N THR C 230 16.82 -2.26 1.69
CA THR C 230 17.39 -3.56 1.36
C THR C 230 16.34 -4.63 1.06
N ALA C 231 15.28 -4.71 1.85
CA ALA C 231 14.34 -5.82 1.73
C ALA C 231 12.92 -5.35 2.03
N ILE C 232 11.96 -6.08 1.45
CA ILE C 232 10.54 -5.82 1.63
C ILE C 232 9.87 -7.11 2.04
N LEU C 233 8.65 -6.98 2.58
CA LEU C 233 7.82 -8.12 2.95
C LEU C 233 6.58 -8.09 2.06
N ALA C 234 6.63 -8.83 0.95
CA ALA C 234 5.57 -8.83 -0.05
C ALA C 234 4.93 -10.20 -0.13
N PRO C 235 3.75 -10.38 0.45
CA PRO C 235 3.04 -11.67 0.28
C PRO C 235 2.44 -11.84 -1.10
N GLY C 236 2.19 -10.76 -1.83
CA GLY C 236 1.62 -10.86 -3.16
C GLY C 236 2.46 -10.18 -4.21
N GLY C 237 3.76 -10.07 -3.97
CA GLY C 237 4.67 -9.46 -4.92
C GLY C 237 4.67 -7.95 -4.96
N GLY C 238 3.93 -7.30 -4.07
CA GLY C 238 3.88 -5.85 -4.04
C GLY C 238 4.07 -5.34 -2.63
N SER C 239 4.33 -4.03 -2.55
CA SER C 239 4.57 -3.41 -1.26
C SER C 239 3.33 -3.48 -0.39
N VAL C 240 3.55 -3.60 0.92
CA VAL C 240 2.46 -3.66 1.89
C VAL C 240 2.43 -2.47 2.83
N GLY C 241 3.56 -1.85 3.13
CA GLY C 241 3.61 -0.75 4.07
C GLY C 241 4.69 -0.96 5.11
N ILE C 242 5.61 -1.88 4.83
CA ILE C 242 6.76 -2.15 5.70
C ILE C 242 7.98 -2.38 4.83
N GLY C 243 9.03 -1.59 5.07
CA GLY C 243 10.27 -1.73 4.33
C GLY C 243 11.47 -1.62 5.23
N PHE C 244 12.47 -2.48 5.01
CA PHE C 244 13.62 -2.60 5.89
C PHE C 244 14.82 -1.92 5.25
N ALA C 245 15.59 -1.19 6.06
CA ALA C 245 16.74 -0.44 5.57
C ALA C 245 17.88 -0.50 6.57
N ILE C 246 19.08 -0.73 6.08
CA ILE C 246 20.29 -0.69 6.93
C ILE C 246 20.52 0.75 7.39
N PRO C 247 20.89 0.97 8.64
CA PRO C 247 21.15 2.34 9.10
C PRO C 247 22.34 2.98 8.40
N SER C 248 22.54 4.28 8.62
CA SER C 248 23.59 5.03 7.94
C SER C 248 24.95 4.90 8.60
N ASN C 249 24.98 4.85 9.94
CA ASN C 249 26.25 4.74 10.65
C ASN C 249 26.98 3.45 10.29
N MET C 250 26.25 2.34 10.23
CA MET C 250 26.85 1.08 9.80
C MET C 250 27.31 1.15 8.35
N ALA C 251 26.50 1.79 7.50
CA ALA C 251 26.88 1.92 6.09
C ALA C 251 28.09 2.83 5.91
N ARG C 252 28.14 3.94 6.66
CA ARG C 252 29.25 4.87 6.53
C ARG C 252 30.56 4.25 6.99
N THR C 253 30.54 3.56 8.14
CA THR C 253 31.75 2.92 8.65
C THR C 253 32.22 1.82 7.71
N LEU C 254 31.29 1.04 7.16
CA LEU C 254 31.67 0.03 6.18
C LEU C 254 32.27 0.66 4.93
N ALA C 255 31.72 1.81 4.51
CA ALA C 255 32.24 2.48 3.33
C ALA C 255 33.69 2.94 3.52
N GLN C 256 34.00 3.48 4.71
CA GLN C 256 35.35 3.99 4.95
C GLN C 256 36.38 2.88 4.86
N GLN C 257 36.06 1.71 5.43
CA GLN C 257 36.97 0.57 5.32
C GLN C 257 37.10 0.11 3.87
N LEU C 258 36.00 0.15 3.12
CA LEU C 258 36.03 -0.36 1.75
C LEU C 258 36.93 0.46 0.85
N ILE C 259 36.92 1.79 1.00
CA ILE C 259 37.72 2.63 0.12
C ILE C 259 39.12 2.88 0.66
N ASP C 260 39.36 2.63 1.95
CA ASP C 260 40.70 2.88 2.50
C ASP C 260 41.59 1.64 2.36
N PHE C 261 41.01 0.45 2.42
CA PHE C 261 41.77 -0.79 2.33
C PHE C 261 41.34 -1.69 1.18
N GLY C 262 40.04 -1.76 0.89
CA GLY C 262 39.53 -2.66 -0.11
C GLY C 262 38.97 -3.96 0.43
N GLU C 263 39.01 -4.15 1.75
CA GLU C 263 38.51 -5.38 2.37
C GLU C 263 38.06 -5.05 3.78
N ILE C 264 37.30 -5.98 4.36
CA ILE C 264 36.72 -5.79 5.68
C ILE C 264 37.57 -6.49 6.73
N LYS C 265 37.47 -6.02 7.97
CA LYS C 265 38.17 -6.61 9.12
C LYS C 265 37.13 -6.82 10.22
N ARG C 266 36.59 -8.03 10.30
CA ARG C 266 35.54 -8.33 11.26
C ARG C 266 36.09 -8.39 12.68
N GLY C 267 35.35 -7.80 13.61
CA GLY C 267 35.71 -7.87 15.02
C GLY C 267 34.92 -8.99 15.70
N LEU C 268 35.63 -9.79 16.50
CA LEU C 268 35.05 -10.95 17.14
C LEU C 268 35.44 -10.98 18.61
N LEU C 269 34.53 -11.48 19.45
CA LEU C 269 34.75 -11.52 20.90
C LEU C 269 35.07 -12.92 21.40
N GLY C 270 34.46 -13.93 20.83
CA GLY C 270 34.66 -15.30 21.26
C GLY C 270 33.62 -15.84 22.22
N ILE C 271 32.39 -15.31 22.18
CA ILE C 271 31.33 -15.70 23.09
C ILE C 271 30.23 -16.38 22.28
N LYS C 272 29.86 -17.58 22.70
CA LYS C 272 28.76 -18.32 22.08
C LYS C 272 27.54 -18.22 22.97
N GLY C 273 26.43 -17.74 22.41
CA GLY C 273 25.22 -17.57 23.19
C GLY C 273 24.01 -17.46 22.30
N THR C 274 22.85 -17.44 22.94
CA THR C 274 21.56 -17.40 22.25
C THR C 274 20.76 -16.19 22.72
N GLU C 275 19.55 -16.08 22.17
CA GLU C 275 18.66 -14.97 22.49
C GLU C 275 18.21 -15.03 23.95
N MET C 276 18.03 -13.85 24.54
CA MET C 276 17.39 -13.76 25.86
C MET C 276 15.87 -13.78 25.70
N SER C 277 15.22 -14.66 26.45
CA SER C 277 13.77 -14.70 26.52
C SER C 277 13.32 -14.23 27.90
N ALA C 278 12.04 -13.84 27.98
CA ALA C 278 11.49 -13.40 29.26
C ALA C 278 11.39 -14.55 30.24
N ASP C 279 11.25 -15.78 29.74
CA ASP C 279 11.15 -16.94 30.63
C ASP C 279 12.45 -17.16 31.39
N ILE C 280 13.59 -16.99 30.72
CA ILE C 280 14.88 -17.19 31.38
C ILE C 280 15.06 -16.22 32.54
N ALA C 281 14.71 -14.95 32.33
CA ALA C 281 14.83 -13.97 33.40
C ALA C 281 13.93 -14.31 34.57
N LYS C 282 12.71 -14.79 34.30
CA LYS C 282 11.81 -15.18 35.38
C LYS C 282 12.33 -16.42 36.11
N ALA C 283 12.99 -17.33 35.38
CA ALA C 283 13.60 -18.49 36.01
C ALA C 283 14.72 -18.08 36.95
N PHE C 284 15.54 -17.11 36.54
CA PHE C 284 16.65 -16.63 37.34
C PHE C 284 16.29 -15.43 38.21
N ASN C 285 15.03 -14.97 38.17
CA ASN C 285 14.57 -13.81 38.93
C ASN C 285 15.39 -12.57 38.60
N LEU C 286 15.32 -12.16 37.33
CA LEU C 286 16.03 -10.99 36.83
C LEU C 286 15.04 -9.92 36.39
N ASP C 287 15.37 -8.66 36.68
CA ASP C 287 14.48 -7.56 36.33
C ASP C 287 14.46 -7.25 34.84
N VAL C 288 15.56 -7.51 34.14
CA VAL C 288 15.67 -7.21 32.71
C VAL C 288 15.32 -8.46 31.93
N GLN C 289 14.72 -8.28 30.74
CA GLN C 289 14.35 -9.38 29.88
C GLN C 289 14.81 -9.21 28.44
N ARG C 290 15.58 -8.17 28.14
CA ARG C 290 16.16 -7.96 26.81
C ARG C 290 17.67 -7.91 26.95
N GLY C 291 18.36 -8.80 26.27
CA GLY C 291 19.81 -8.85 26.37
C GLY C 291 20.36 -10.06 25.65
N ALA C 292 21.60 -10.41 25.99
CA ALA C 292 22.28 -11.57 25.41
C ALA C 292 22.65 -12.55 26.52
N PHE C 293 22.39 -13.83 26.26
CA PHE C 293 22.68 -14.89 27.21
C PHE C 293 23.99 -15.57 26.81
N VAL C 294 24.93 -15.63 27.76
CA VAL C 294 26.24 -16.23 27.51
C VAL C 294 26.16 -17.71 27.87
N SER C 295 26.49 -18.56 26.90
CA SER C 295 26.46 -20.01 27.10
C SER C 295 27.84 -20.65 27.11
N GLU C 296 28.83 -20.02 26.49
CA GLU C 296 30.16 -20.59 26.41
C GLU C 296 31.18 -19.49 26.14
N VAL C 297 32.37 -19.66 26.69
CA VAL C 297 33.49 -18.75 26.45
C VAL C 297 34.62 -19.55 25.83
N LEU C 298 35.08 -19.12 24.66
CA LEU C 298 36.11 -19.86 23.95
C LEU C 298 37.48 -19.59 24.56
N PRO C 299 38.23 -20.62 24.95
CA PRO C 299 39.58 -20.40 25.47
C PRO C 299 40.46 -19.69 24.44
N GLY C 300 41.32 -18.81 24.94
CA GLY C 300 42.21 -18.05 24.08
C GLY C 300 41.63 -16.79 23.50
N SER C 301 40.35 -16.50 23.77
CA SER C 301 39.72 -15.29 23.27
C SER C 301 39.99 -14.13 24.24
N GLY C 302 39.76 -12.91 23.73
CA GLY C 302 39.92 -11.73 24.57
C GLY C 302 38.93 -11.69 25.73
N SER C 303 37.77 -12.31 25.55
CA SER C 303 36.78 -12.36 26.64
C SER C 303 37.31 -13.17 27.81
N ALA C 304 38.01 -14.27 27.54
CA ALA C 304 38.57 -15.08 28.61
C ALA C 304 39.60 -14.30 29.43
N LYS C 305 40.39 -13.47 28.77
CA LYS C 305 41.38 -12.66 29.49
C LYS C 305 40.68 -11.67 30.42
N ALA C 306 39.57 -11.09 29.97
CA ALA C 306 38.86 -10.08 30.77
C ALA C 306 38.12 -10.68 31.96
N GLY C 307 37.98 -12.00 32.03
CA GLY C 307 37.30 -12.65 33.14
C GLY C 307 35.85 -12.96 32.93
N VAL C 308 35.35 -12.92 31.69
CA VAL C 308 33.96 -13.24 31.40
C VAL C 308 33.83 -14.74 31.21
N LYS C 309 32.96 -15.38 32.00
CA LYS C 309 32.76 -16.82 31.96
C LYS C 309 31.27 -17.12 31.75
N ALA C 310 30.96 -18.41 31.70
CA ALA C 310 29.61 -18.86 31.42
C ALA C 310 28.65 -18.46 32.54
N GLY C 311 27.36 -18.72 32.32
CA GLY C 311 26.33 -18.29 33.23
C GLY C 311 26.11 -16.80 33.27
N ASP C 312 26.45 -16.10 32.19
CA ASP C 312 26.56 -14.65 32.16
C ASP C 312 25.47 -14.04 31.30
N ILE C 313 25.13 -12.79 31.63
CA ILE C 313 24.07 -12.06 30.94
C ILE C 313 24.65 -10.73 30.47
N ILE C 314 24.54 -10.45 29.18
CA ILE C 314 24.99 -9.18 28.64
C ILE C 314 23.84 -8.17 28.73
N THR C 315 24.13 -7.00 29.30
CA THR C 315 23.10 -6.00 29.55
C THR C 315 23.22 -4.76 28.67
N SER C 316 24.39 -4.11 28.66
CA SER C 316 24.57 -2.86 27.94
C SER C 316 25.88 -2.89 27.19
N LEU C 317 25.95 -2.12 26.11
CA LEU C 317 27.15 -1.96 25.30
C LEU C 317 27.58 -0.51 25.31
N ASN C 318 28.87 -0.27 25.57
CA ASN C 318 29.49 1.05 25.62
C ASN C 318 28.64 2.07 26.37
N GLY C 319 27.95 1.62 27.42
CA GLY C 319 27.13 2.51 28.22
C GLY C 319 25.74 2.78 27.71
N LYS C 320 25.34 2.14 26.60
CA LYS C 320 24.01 2.34 26.06
C LYS C 320 23.22 1.05 26.11
N PRO C 321 21.98 1.07 26.59
CA PRO C 321 21.18 -0.16 26.63
C PRO C 321 20.93 -0.71 25.23
N LEU C 322 20.90 -2.03 25.13
CA LEU C 322 20.69 -2.73 23.88
C LEU C 322 19.33 -3.41 23.88
N ASN C 323 18.91 -3.86 22.68
CA ASN C 323 17.60 -4.48 22.51
C ASN C 323 17.66 -5.99 22.35
N SER C 324 18.61 -6.52 21.60
CA SER C 324 18.69 -7.95 21.39
C SER C 324 20.13 -8.34 21.11
N PHE C 325 20.41 -9.64 21.26
CA PHE C 325 21.75 -10.15 20.99
C PHE C 325 22.11 -10.01 19.52
N ALA C 326 21.11 -9.97 18.63
CA ALA C 326 21.39 -9.75 17.22
C ALA C 326 22.01 -8.37 16.99
N GLU C 327 21.53 -7.36 17.71
CA GLU C 327 22.13 -6.03 17.60
C GLU C 327 23.57 -6.03 18.08
N LEU C 328 23.86 -6.76 19.15
CA LEU C 328 25.23 -6.84 19.65
C LEU C 328 26.15 -7.50 18.64
N ARG C 329 25.66 -8.56 17.98
CA ARG C 329 26.48 -9.28 17.01
C ARG C 329 26.85 -8.39 15.83
N SER C 330 25.88 -7.61 15.33
CA SER C 330 26.15 -6.78 14.15
C SER C 330 27.11 -5.66 14.48
N ARG C 331 26.90 -4.98 15.61
CA ARG C 331 27.78 -3.87 15.98
C ARG C 331 29.20 -4.33 16.27
N ILE C 332 29.35 -5.49 16.93
CA ILE C 332 30.68 -6.00 17.23
C ILE C 332 31.44 -6.29 15.94
N ALA C 333 30.77 -6.91 14.96
CA ALA C 333 31.41 -7.20 13.70
C ALA C 333 31.84 -5.94 12.97
N THR C 334 31.02 -4.89 13.03
CA THR C 334 31.37 -3.63 12.38
C THR C 334 32.60 -3.00 13.02
N THR C 335 32.72 -3.07 14.34
CA THR C 335 33.81 -2.41 15.04
C THR C 335 35.16 -2.98 14.62
N GLU C 336 36.15 -2.11 14.56
CA GLU C 336 37.49 -2.51 14.12
C GLU C 336 38.13 -3.42 15.16
N PRO C 337 38.81 -4.48 14.74
CA PRO C 337 39.50 -5.35 15.69
C PRO C 337 40.60 -4.61 16.44
N GLY C 338 40.81 -5.00 17.70
CA GLY C 338 41.83 -4.42 18.53
C GLY C 338 41.38 -3.26 19.38
N THR C 339 40.22 -2.69 19.11
CA THR C 339 39.73 -1.56 19.89
C THR C 339 39.11 -2.05 21.19
N LYS C 340 39.30 -1.25 22.24
CA LYS C 340 38.77 -1.57 23.56
C LYS C 340 37.34 -1.05 23.67
N VAL C 341 36.46 -1.86 24.25
CA VAL C 341 35.05 -1.52 24.38
C VAL C 341 34.62 -1.71 25.83
N LYS C 342 33.54 -1.04 26.20
CA LYS C 342 32.96 -1.12 27.54
C LYS C 342 31.68 -1.93 27.47
N LEU C 343 31.52 -2.87 28.39
CA LEU C 343 30.38 -3.79 28.40
C LEU C 343 29.60 -3.63 29.69
N GLY C 344 28.31 -3.37 29.58
CA GLY C 344 27.43 -3.41 30.74
C GLY C 344 27.14 -4.84 31.11
N LEU C 345 27.59 -5.27 32.29
CA LEU C 345 27.65 -6.67 32.63
C LEU C 345 26.81 -6.95 33.89
N LEU C 346 26.18 -8.12 33.89
CA LEU C 346 25.32 -8.54 35.00
C LEU C 346 25.51 -10.03 35.24
N ARG C 347 25.69 -10.40 36.51
CA ARG C 347 25.87 -11.80 36.89
C ARG C 347 25.21 -12.06 38.23
N ASN C 348 24.40 -13.12 38.30
CA ASN C 348 23.74 -13.54 39.54
C ASN C 348 22.91 -12.40 40.15
N GLY C 349 22.29 -11.60 39.29
CA GLY C 349 21.53 -10.46 39.76
C GLY C 349 22.36 -9.29 40.23
N LYS C 350 23.67 -9.32 40.03
CA LYS C 350 24.57 -8.27 40.46
C LYS C 350 25.24 -7.62 39.26
N PRO C 351 25.07 -6.32 39.06
CA PRO C 351 25.70 -5.67 37.91
C PRO C 351 27.21 -5.59 38.05
N LEU C 352 27.87 -5.55 36.88
CA LEU C 352 29.32 -5.46 36.81
C LEU C 352 29.70 -4.63 35.59
N GLU C 353 30.96 -4.18 35.58
CA GLU C 353 31.48 -3.43 34.45
C GLU C 353 32.87 -3.95 34.10
N VAL C 354 33.05 -4.36 32.86
CA VAL C 354 34.33 -4.90 32.40
C VAL C 354 34.70 -4.25 31.07
N GLU C 355 35.99 -4.21 30.79
CA GLU C 355 36.52 -3.68 29.54
C GLU C 355 37.29 -4.78 28.83
N VAL C 356 36.98 -4.98 27.55
CA VAL C 356 37.54 -6.07 26.77
C VAL C 356 38.05 -5.54 25.44
N THR C 357 38.96 -6.30 24.83
CA THR C 357 39.51 -5.98 23.52
C THR C 357 38.90 -6.87 22.45
N LEU C 358 39.14 -6.50 21.19
CA LEU C 358 38.57 -7.21 20.05
C LEU C 358 39.66 -7.95 19.28
N ASP C 359 39.32 -9.15 18.83
CA ASP C 359 40.20 -9.99 18.03
C ASP C 359 39.81 -9.89 16.56
N THR C 360 40.49 -10.66 15.73
CA THR C 360 40.24 -10.71 14.29
C THR C 360 39.57 -12.03 13.93
N SER C 361 38.48 -11.94 13.18
CA SER C 361 37.75 -13.14 12.75
C SER C 361 38.53 -13.91 11.69
N SER D 365 27.43 -9.34 -52.14
CA SER D 365 26.35 -8.94 -51.25
C SER D 365 26.60 -9.42 -49.83
N ALA D 366 27.38 -8.65 -49.08
CA ALA D 366 27.72 -9.01 -47.71
C ALA D 366 26.49 -8.89 -46.82
N SER D 367 26.21 -9.93 -46.04
CA SER D 367 25.05 -9.93 -45.16
C SER D 367 25.29 -9.02 -43.96
N ALA D 368 24.22 -8.38 -43.49
CA ALA D 368 24.29 -7.55 -42.30
C ALA D 368 24.17 -8.36 -41.01
N GLU D 369 23.84 -9.65 -41.11
CA GLU D 369 23.74 -10.48 -39.90
C GLU D 369 25.09 -10.61 -39.22
N MET D 370 26.17 -10.76 -39.99
CA MET D 370 27.50 -10.90 -39.44
C MET D 370 28.10 -9.58 -38.97
N ILE D 371 27.40 -8.47 -39.16
CA ILE D 371 27.86 -7.16 -38.69
C ILE D 371 27.25 -6.81 -37.35
N THR D 372 25.93 -6.94 -37.21
CA THR D 372 25.24 -6.65 -35.97
C THR D 372 23.96 -7.48 -35.92
N PRO D 373 23.60 -7.99 -34.74
CA PRO D 373 22.39 -8.83 -34.65
C PRO D 373 21.11 -8.11 -35.06
N ALA D 374 21.01 -6.80 -34.80
CA ALA D 374 19.77 -6.09 -35.05
C ALA D 374 19.46 -5.92 -36.55
N LEU D 375 20.46 -6.06 -37.41
CA LEU D 375 20.27 -5.90 -38.85
C LEU D 375 20.08 -7.23 -39.56
N GLU D 376 19.50 -8.22 -38.89
CA GLU D 376 19.27 -9.51 -39.51
C GLU D 376 18.18 -9.40 -40.58
N GLY D 377 18.39 -10.10 -41.69
CA GLY D 377 17.40 -10.14 -42.75
C GLY D 377 17.52 -9.06 -43.80
N ALA D 378 18.70 -8.44 -43.94
CA ALA D 378 18.91 -7.39 -44.92
C ALA D 378 20.10 -7.76 -45.81
N THR D 379 19.97 -7.46 -47.10
CA THR D 379 21.03 -7.69 -48.07
C THR D 379 21.66 -6.36 -48.46
N LEU D 380 22.98 -6.27 -48.36
CA LEU D 380 23.71 -5.03 -48.58
C LEU D 380 24.60 -5.16 -49.82
N SER D 381 24.71 -4.08 -50.58
CA SER D 381 25.63 -4.00 -51.70
C SER D 381 26.07 -2.55 -51.85
N ASP D 382 27.35 -2.35 -52.17
CA ASP D 382 27.90 -1.01 -52.30
C ASP D 382 27.30 -0.32 -53.51
N GLY D 383 26.57 0.77 -53.29
CA GLY D 383 25.91 1.50 -54.36
C GLY D 383 26.40 2.94 -54.44
N GLN D 384 25.93 3.63 -55.47
CA GLN D 384 26.31 5.02 -55.73
C GLN D 384 25.08 5.91 -55.75
N LEU D 385 25.28 7.17 -55.40
CA LEU D 385 24.20 8.14 -55.36
C LEU D 385 23.80 8.57 -56.77
N LYS D 386 22.76 9.40 -56.84
CA LYS D 386 22.35 9.99 -58.11
C LYS D 386 23.44 10.88 -58.69
N ASP D 387 24.27 11.47 -57.83
CA ASP D 387 25.38 12.30 -58.25
C ASP D 387 26.72 11.57 -58.20
N GLY D 388 26.73 10.29 -57.84
CA GLY D 388 27.95 9.51 -57.80
C GLY D 388 28.57 9.31 -56.44
N GLY D 389 27.93 9.75 -55.36
CA GLY D 389 28.48 9.57 -54.04
C GLY D 389 28.56 8.10 -53.67
N LYS D 390 29.71 7.69 -53.14
CA LYS D 390 29.91 6.30 -52.76
C LYS D 390 29.05 5.95 -51.54
N GLY D 391 28.58 4.71 -51.53
CA GLY D 391 27.74 4.27 -50.42
C GLY D 391 27.37 2.81 -50.56
N ILE D 392 26.31 2.43 -49.85
CA ILE D 392 25.81 1.06 -49.84
C ILE D 392 24.35 1.08 -50.28
N LYS D 393 24.00 0.22 -51.23
CA LYS D 393 22.65 0.10 -51.74
C LYS D 393 21.97 -1.13 -51.16
N ILE D 394 20.80 -0.94 -50.55
CA ILE D 394 20.05 -2.04 -49.98
C ILE D 394 19.47 -2.88 -51.11
N ASP D 395 19.58 -4.20 -50.99
CA ASP D 395 19.08 -5.13 -52.00
C ASP D 395 17.71 -5.69 -51.65
N GLU D 396 17.55 -6.24 -50.45
CA GLU D 396 16.27 -6.80 -50.04
C GLU D 396 16.19 -6.81 -48.52
N VAL D 397 14.96 -6.68 -48.01
CA VAL D 397 14.68 -6.69 -46.59
C VAL D 397 13.68 -7.80 -46.31
N VAL D 398 13.98 -8.64 -45.31
CA VAL D 398 13.09 -9.73 -44.94
C VAL D 398 11.99 -9.19 -44.03
N LYS D 399 10.74 -9.45 -44.39
CA LYS D 399 9.62 -9.00 -43.60
C LYS D 399 9.58 -9.72 -42.25
N GLY D 400 9.31 -8.96 -41.19
CA GLY D 400 9.26 -9.50 -39.86
C GLY D 400 10.59 -9.58 -39.14
N SER D 401 11.69 -9.29 -39.83
CA SER D 401 13.00 -9.30 -39.22
C SER D 401 13.22 -8.04 -38.40
N PRO D 402 14.17 -8.06 -37.45
CA PRO D 402 14.48 -6.83 -36.70
C PRO D 402 14.93 -5.69 -37.60
N ALA D 403 15.59 -5.98 -38.73
CA ALA D 403 15.95 -4.93 -39.67
C ALA D 403 14.71 -4.28 -40.26
N ALA D 404 13.69 -5.07 -40.59
CA ALA D 404 12.45 -4.51 -41.07
C ALA D 404 11.73 -3.70 -40.00
N GLN D 405 11.90 -4.07 -38.73
CA GLN D 405 11.33 -3.29 -37.64
C GLN D 405 11.92 -1.89 -37.57
N ALA D 406 13.17 -1.73 -38.02
CA ALA D 406 13.80 -0.42 -38.07
C ALA D 406 13.37 0.41 -39.27
N GLY D 407 12.70 -0.21 -40.25
CA GLY D 407 12.23 0.52 -41.42
C GLY D 407 13.06 0.35 -42.67
N LEU D 408 13.89 -0.69 -42.76
CA LEU D 408 14.69 -0.91 -43.95
C LEU D 408 13.81 -1.23 -45.15
N GLN D 409 14.20 -0.72 -46.30
CA GLN D 409 13.39 -0.81 -47.52
C GLN D 409 14.30 -1.09 -48.71
N LYS D 410 13.74 -1.76 -49.72
CA LYS D 410 14.49 -2.08 -50.92
C LYS D 410 14.85 -0.81 -51.69
N ASP D 411 15.95 -0.90 -52.45
CA ASP D 411 16.49 0.13 -53.33
C ASP D 411 17.02 1.34 -52.58
N ASP D 412 17.16 1.25 -51.25
CA ASP D 412 17.67 2.37 -50.47
C ASP D 412 19.17 2.52 -50.67
N VAL D 413 19.68 3.72 -50.38
CA VAL D 413 21.08 4.06 -50.57
C VAL D 413 21.64 4.57 -49.24
N ILE D 414 22.61 3.84 -48.70
CA ILE D 414 23.36 4.30 -47.53
C ILE D 414 24.45 5.25 -47.97
N ILE D 415 24.73 6.27 -47.16
CA ILE D 415 25.81 7.20 -47.48
C ILE D 415 26.71 7.42 -46.28
N GLY D 416 26.25 7.05 -45.10
CA GLY D 416 27.04 7.29 -43.90
C GLY D 416 26.48 6.54 -42.72
N VAL D 417 27.32 6.44 -41.68
CA VAL D 417 26.96 5.79 -40.42
C VAL D 417 27.30 6.75 -39.29
N ASN D 418 26.31 7.03 -38.44
CA ASN D 418 26.49 7.94 -37.31
C ASN D 418 27.04 9.27 -37.78
N ARG D 419 28.22 9.65 -37.27
CA ARG D 419 28.89 10.86 -37.71
C ARG D 419 29.96 10.61 -38.76
N ASP D 420 30.57 9.43 -38.75
CA ASP D 420 31.63 9.12 -39.71
C ASP D 420 31.04 8.89 -41.10
N ARG D 421 31.73 9.39 -42.12
CA ARG D 421 31.33 9.14 -43.50
C ARG D 421 31.97 7.85 -44.00
N VAL D 422 31.19 7.03 -44.69
CA VAL D 422 31.62 5.71 -45.13
C VAL D 422 31.48 5.60 -46.64
N ASN D 423 32.25 4.67 -47.21
CA ASN D 423 32.22 4.41 -48.65
C ASN D 423 32.15 2.94 -49.01
N SER D 424 32.34 2.02 -48.06
CA SER D 424 32.27 0.59 -48.34
C SER D 424 31.95 -0.13 -47.04
N ILE D 425 31.86 -1.46 -47.14
CA ILE D 425 31.47 -2.28 -45.99
C ILE D 425 32.55 -2.26 -44.91
N ALA D 426 33.82 -2.22 -45.33
CA ALA D 426 34.91 -2.29 -44.36
C ALA D 426 34.87 -1.13 -43.38
N GLU D 427 34.57 0.08 -43.87
CA GLU D 427 34.64 1.26 -43.02
C GLU D 427 33.63 1.20 -41.88
N MET D 428 32.36 0.97 -42.21
CA MET D 428 31.36 0.94 -41.13
C MET D 428 31.42 -0.37 -40.37
N ARG D 429 32.05 -1.40 -40.94
CA ARG D 429 32.31 -2.62 -40.18
C ARG D 429 33.28 -2.35 -39.05
N LYS D 430 34.40 -1.68 -39.34
CA LYS D 430 35.32 -1.34 -38.26
C LYS D 430 34.79 -0.22 -37.38
N VAL D 431 33.82 0.55 -37.88
CA VAL D 431 33.14 1.52 -37.02
C VAL D 431 32.29 0.79 -35.98
N LEU D 432 31.51 -0.20 -36.41
CA LEU D 432 30.70 -1.01 -35.51
C LEU D 432 31.52 -2.02 -34.72
N ALA D 433 32.81 -2.17 -35.04
CA ALA D 433 33.68 -2.98 -34.19
C ALA D 433 33.66 -2.49 -32.75
N ALA D 434 33.46 -1.19 -32.53
CA ALA D 434 33.25 -0.68 -31.19
C ALA D 434 31.86 -1.00 -30.66
N LYS D 435 30.94 -1.41 -31.53
CA LYS D 435 29.58 -1.81 -31.19
C LYS D 435 28.84 -0.74 -30.39
N PRO D 436 28.44 0.36 -31.02
CA PRO D 436 27.59 1.34 -30.31
C PRO D 436 26.21 0.76 -30.05
N ALA D 437 25.56 1.31 -29.02
CA ALA D 437 24.22 0.84 -28.66
C ALA D 437 23.22 1.09 -29.79
N ILE D 438 23.30 2.25 -30.42
CA ILE D 438 22.41 2.62 -31.51
C ILE D 438 23.25 3.14 -32.66
N ILE D 439 22.96 2.66 -33.87
CA ILE D 439 23.66 3.07 -35.09
C ILE D 439 22.76 4.03 -35.86
N ALA D 440 23.26 5.24 -36.10
CA ALA D 440 22.60 6.16 -37.01
C ALA D 440 23.05 5.85 -38.43
N LEU D 441 22.10 5.93 -39.36
CA LEU D 441 22.34 5.47 -40.73
C LEU D 441 21.85 6.56 -41.68
N GLN D 442 22.79 7.32 -42.24
CA GLN D 442 22.42 8.37 -43.18
C GLN D 442 22.05 7.75 -44.52
N ILE D 443 20.92 8.20 -45.06
CA ILE D 443 20.30 7.54 -46.20
C ILE D 443 19.46 8.56 -46.96
N VAL D 444 19.52 8.49 -48.28
CA VAL D 444 18.78 9.40 -49.16
C VAL D 444 17.72 8.57 -49.89
N ARG D 445 16.51 8.57 -49.35
CA ARG D 445 15.38 7.90 -50.00
C ARG D 445 14.80 8.84 -51.04
N GLY D 446 14.99 8.51 -52.31
CA GLY D 446 14.58 9.44 -53.37
C GLY D 446 15.40 10.71 -53.28
N ASN D 447 14.70 11.84 -53.20
CA ASN D 447 15.36 13.13 -53.00
C ASN D 447 15.21 13.66 -51.57
N GLU D 448 14.51 12.93 -50.70
CA GLU D 448 14.29 13.34 -49.33
C GLU D 448 15.22 12.55 -48.41
N SER D 449 16.03 13.26 -47.63
CA SER D 449 16.98 12.60 -46.74
C SER D 449 16.29 12.16 -45.46
N ILE D 450 16.37 10.87 -45.15
CA ILE D 450 15.79 10.33 -43.93
C ILE D 450 16.89 9.62 -43.14
N TYR D 451 16.55 9.05 -41.99
CA TYR D 451 17.53 8.37 -41.15
C TYR D 451 16.99 7.02 -40.71
N LEU D 452 17.90 6.09 -40.44
CA LEU D 452 17.56 4.77 -39.95
C LEU D 452 18.38 4.45 -38.70
N LEU D 453 17.71 3.88 -37.70
CA LEU D 453 18.36 3.58 -36.42
C LEU D 453 18.26 2.09 -36.10
N MET D 454 18.72 1.71 -34.90
CA MET D 454 18.60 0.35 -34.40
C MET D 454 18.44 0.40 -32.89
N ARG D 455 17.96 -0.70 -32.32
CA ARG D 455 17.82 -0.81 -30.88
C ARG D 455 18.47 -2.08 -30.35
N SER E 365 -57.11 -16.68 -12.86
CA SER E 365 -55.83 -16.29 -12.30
C SER E 365 -54.83 -15.95 -13.40
N ALA E 366 -54.68 -14.66 -13.67
CA ALA E 366 -53.76 -14.19 -14.70
C ALA E 366 -52.32 -14.50 -14.30
N SER E 367 -51.49 -14.80 -15.29
CA SER E 367 -50.08 -15.10 -15.04
C SER E 367 -49.37 -13.89 -14.49
N ALA E 368 -48.64 -14.09 -13.38
CA ALA E 368 -47.90 -13.00 -12.76
C ALA E 368 -46.51 -12.81 -13.36
N GLU E 369 -45.96 -13.85 -14.00
CA GLU E 369 -44.63 -13.73 -14.58
C GLU E 369 -44.60 -12.71 -15.72
N MET E 370 -45.64 -12.69 -16.56
CA MET E 370 -45.66 -11.78 -17.69
C MET E 370 -45.79 -10.33 -17.25
N ILE E 371 -46.40 -10.07 -16.09
CA ILE E 371 -46.61 -8.71 -15.64
C ILE E 371 -45.28 -8.02 -15.36
N THR E 372 -44.40 -8.69 -14.59
CA THR E 372 -43.09 -8.14 -14.28
C THR E 372 -42.20 -9.27 -13.79
N PRO E 373 -40.90 -9.25 -14.11
CA PRO E 373 -40.01 -10.33 -13.67
C PRO E 373 -39.92 -10.46 -12.16
N ALA E 374 -40.00 -9.36 -11.41
CA ALA E 374 -39.84 -9.42 -9.96
C ALA E 374 -41.00 -10.14 -9.28
N LEU E 375 -42.16 -10.22 -9.92
CA LEU E 375 -43.34 -10.87 -9.34
C LEU E 375 -43.44 -12.33 -9.77
N GLU E 376 -42.45 -12.83 -10.52
CA GLU E 376 -42.48 -14.21 -11.01
C GLU E 376 -42.60 -15.20 -9.86
N GLY E 377 -43.42 -16.23 -10.06
CA GLY E 377 -43.60 -17.26 -9.06
C GLY E 377 -44.82 -17.12 -8.19
N ALA E 378 -45.78 -16.28 -8.58
CA ALA E 378 -46.97 -16.04 -7.79
C ALA E 378 -48.22 -16.23 -8.63
N THR E 379 -49.31 -16.60 -7.96
CA THR E 379 -50.63 -16.71 -8.57
C THR E 379 -51.53 -15.62 -8.01
N LEU E 380 -52.12 -14.83 -8.89
CA LEU E 380 -52.90 -13.65 -8.51
C LEU E 380 -54.37 -13.89 -8.77
N SER E 381 -55.21 -13.42 -7.84
CA SER E 381 -56.65 -13.51 -7.98
C SER E 381 -57.28 -12.24 -7.42
N ASP E 382 -58.17 -11.63 -8.20
CA ASP E 382 -58.84 -10.40 -7.81
C ASP E 382 -59.96 -10.74 -6.84
N GLY E 383 -59.62 -10.77 -5.55
CA GLY E 383 -60.56 -11.06 -4.49
C GLY E 383 -61.18 -9.81 -3.91
N GLN E 384 -61.44 -9.85 -2.61
CA GLN E 384 -62.03 -8.71 -1.91
C GLN E 384 -61.51 -8.68 -0.48
N LEU E 385 -61.58 -7.50 0.13
CA LEU E 385 -61.10 -7.33 1.48
C LEU E 385 -62.10 -7.89 2.49
N LYS E 386 -61.63 -8.06 3.73
CA LYS E 386 -62.47 -8.59 4.80
C LYS E 386 -63.56 -7.60 5.20
N ASP E 387 -63.30 -6.31 5.04
CA ASP E 387 -64.26 -5.27 5.38
C ASP E 387 -65.12 -4.85 4.20
N GLY E 388 -65.01 -5.53 3.06
CA GLY E 388 -65.76 -5.19 1.88
C GLY E 388 -64.97 -4.46 0.81
N GLY E 389 -63.73 -4.07 1.09
CA GLY E 389 -62.93 -3.41 0.09
C GLY E 389 -62.46 -4.37 -1.00
N LYS E 390 -61.90 -3.79 -2.06
CA LYS E 390 -61.42 -4.56 -3.19
C LYS E 390 -59.90 -4.64 -3.17
N GLY E 391 -59.38 -5.85 -3.19
CA GLY E 391 -57.94 -6.08 -3.19
C GLY E 391 -57.57 -7.39 -3.85
N ILE E 392 -56.27 -7.67 -3.94
CA ILE E 392 -55.78 -8.89 -4.59
C ILE E 392 -55.54 -9.93 -3.50
N LYS E 393 -56.15 -11.10 -3.65
CA LYS E 393 -55.96 -12.22 -2.75
C LYS E 393 -54.99 -13.20 -3.41
N ILE E 394 -53.79 -13.32 -2.85
CA ILE E 394 -52.77 -14.18 -3.44
C ILE E 394 -53.18 -15.65 -3.24
N ASP E 395 -53.07 -16.43 -4.30
CA ASP E 395 -53.42 -17.85 -4.25
C ASP E 395 -52.25 -18.72 -3.78
N GLU E 396 -51.06 -18.52 -4.36
CA GLU E 396 -49.90 -19.30 -3.98
C GLU E 396 -48.65 -18.57 -4.44
N VAL E 397 -47.56 -18.75 -3.69
CA VAL E 397 -46.25 -18.24 -4.06
C VAL E 397 -45.25 -19.38 -3.96
N VAL E 398 -44.52 -19.63 -5.04
CA VAL E 398 -43.58 -20.74 -5.07
C VAL E 398 -42.39 -20.42 -4.17
N LYS E 399 -42.06 -21.36 -3.29
CA LYS E 399 -40.91 -21.18 -2.42
C LYS E 399 -39.63 -21.15 -3.24
N GLY E 400 -38.75 -20.19 -2.92
CA GLY E 400 -37.53 -19.99 -3.67
C GLY E 400 -37.66 -19.05 -4.86
N SER E 401 -38.89 -18.77 -5.28
CA SER E 401 -39.10 -17.80 -6.35
C SER E 401 -38.87 -16.39 -5.82
N PRO E 402 -38.62 -15.42 -6.72
CA PRO E 402 -38.43 -14.04 -6.26
C PRO E 402 -39.61 -13.50 -5.48
N ALA E 403 -40.83 -13.99 -5.75
CA ALA E 403 -41.97 -13.61 -4.94
C ALA E 403 -41.80 -14.07 -3.50
N ALA E 404 -41.31 -15.28 -3.30
CA ALA E 404 -41.05 -15.76 -1.94
C ALA E 404 -39.88 -15.01 -1.30
N GLN E 405 -38.90 -14.62 -2.11
CA GLN E 405 -37.77 -13.87 -1.59
C GLN E 405 -38.20 -12.51 -1.04
N ALA E 406 -39.28 -11.94 -1.58
CA ALA E 406 -39.78 -10.66 -1.11
C ALA E 406 -40.68 -10.78 0.11
N GLY E 407 -40.97 -12.01 0.55
CA GLY E 407 -41.80 -12.21 1.72
C GLY E 407 -43.26 -12.51 1.46
N LEU E 408 -43.64 -12.74 0.20
CA LEU E 408 -45.03 -13.07 -0.11
C LEU E 408 -45.37 -14.44 0.47
N GLN E 409 -46.56 -14.55 1.03
CA GLN E 409 -47.04 -15.78 1.65
C GLN E 409 -48.51 -16.00 1.29
N LYS E 410 -49.11 -17.00 1.94
CA LYS E 410 -50.50 -17.33 1.67
C LYS E 410 -51.42 -16.32 2.33
N ASP E 411 -52.56 -16.07 1.68
CA ASP E 411 -53.60 -15.16 2.14
C ASP E 411 -53.06 -13.75 2.35
N ASP E 412 -52.29 -13.24 1.39
CA ASP E 412 -51.87 -11.85 1.43
C ASP E 412 -52.86 -11.00 0.66
N VAL E 413 -53.35 -9.93 1.30
CA VAL E 413 -54.39 -9.08 0.73
C VAL E 413 -53.74 -7.75 0.38
N ILE E 414 -53.29 -7.62 -0.87
CA ILE E 414 -52.69 -6.37 -1.34
C ILE E 414 -53.79 -5.33 -1.50
N ILE E 415 -53.63 -4.18 -0.85
CA ILE E 415 -54.61 -3.11 -0.91
C ILE E 415 -54.06 -1.84 -1.53
N GLY E 416 -52.75 -1.70 -1.68
CA GLY E 416 -52.20 -0.51 -2.31
C GLY E 416 -50.92 -0.83 -3.02
N VAL E 417 -50.58 0.00 -4.01
CA VAL E 417 -49.31 -0.09 -4.73
C VAL E 417 -48.67 1.28 -4.69
N ASN E 418 -47.50 1.39 -4.07
CA ASN E 418 -46.76 2.64 -3.96
C ASN E 418 -47.63 3.77 -3.43
N ARG E 419 -48.12 4.62 -4.32
CA ARG E 419 -49.05 5.68 -3.98
C ARG E 419 -50.45 5.45 -4.51
N ASP E 420 -50.58 5.00 -5.77
CA ASP E 420 -51.89 4.81 -6.38
C ASP E 420 -52.63 3.64 -5.74
N ARG E 421 -53.92 3.83 -5.52
CA ARG E 421 -54.78 2.76 -5.01
C ARG E 421 -55.11 1.80 -6.14
N VAL E 422 -55.00 0.50 -5.87
CA VAL E 422 -55.16 -0.54 -6.89
C VAL E 422 -56.38 -1.39 -6.57
N ASN E 423 -57.15 -1.70 -7.60
CA ASN E 423 -58.37 -2.50 -7.46
C ASN E 423 -58.45 -3.65 -8.46
N SER E 424 -57.76 -3.54 -9.60
CA SER E 424 -57.90 -4.52 -10.67
C SER E 424 -56.55 -4.81 -11.31
N ILE E 425 -56.53 -5.85 -12.16
CA ILE E 425 -55.31 -6.20 -12.90
C ILE E 425 -54.93 -5.11 -13.90
N ALA E 426 -55.91 -4.49 -14.54
CA ALA E 426 -55.61 -3.52 -15.58
C ALA E 426 -54.77 -2.38 -15.03
N GLU E 427 -55.11 -1.88 -13.83
CA GLU E 427 -54.44 -0.70 -13.32
C GLU E 427 -53.02 -0.98 -12.86
N MET E 428 -52.73 -2.12 -12.22
CA MET E 428 -51.34 -2.32 -11.80
C MET E 428 -50.49 -2.75 -12.99
N ARG E 429 -51.09 -3.43 -13.98
CA ARG E 429 -50.37 -3.61 -15.24
C ARG E 429 -50.05 -2.26 -15.88
N LYS E 430 -51.00 -1.32 -15.83
CA LYS E 430 -50.77 0.01 -16.38
C LYS E 430 -49.63 0.71 -15.66
N VAL E 431 -49.60 0.64 -14.33
CA VAL E 431 -48.55 1.35 -13.59
C VAL E 431 -47.20 0.65 -13.78
N LEU E 432 -47.19 -0.67 -13.93
CA LEU E 432 -45.93 -1.38 -14.18
C LEU E 432 -45.45 -1.27 -15.60
N ALA E 433 -46.31 -0.82 -16.53
CA ALA E 433 -45.86 -0.56 -17.89
C ALA E 433 -44.75 0.49 -17.90
N ALA E 434 -44.76 1.42 -16.96
CA ALA E 434 -43.68 2.39 -16.82
C ALA E 434 -42.40 1.77 -16.27
N LYS E 435 -42.47 0.52 -15.80
CA LYS E 435 -41.33 -0.23 -15.26
C LYS E 435 -40.69 0.51 -14.08
N PRO E 436 -41.36 0.63 -12.94
CA PRO E 436 -40.71 1.20 -11.76
C PRO E 436 -39.55 0.33 -11.32
N ALA E 437 -38.47 0.99 -10.87
CA ALA E 437 -37.29 0.25 -10.45
C ALA E 437 -37.56 -0.60 -9.21
N ILE E 438 -38.30 -0.04 -8.24
CA ILE E 438 -38.63 -0.73 -7.01
C ILE E 438 -40.11 -0.53 -6.72
N ILE E 439 -40.81 -1.63 -6.46
CA ILE E 439 -42.24 -1.60 -6.15
C ILE E 439 -42.41 -1.58 -4.65
N ALA E 440 -43.45 -0.91 -4.15
CA ALA E 440 -43.73 -0.90 -2.71
C ALA E 440 -45.24 -1.08 -2.54
N LEU E 441 -45.66 -2.33 -2.33
CA LEU E 441 -47.08 -2.68 -2.27
C LEU E 441 -47.49 -2.88 -0.81
N GLN E 442 -48.56 -2.20 -0.41
CA GLN E 442 -49.03 -2.17 0.97
C GLN E 442 -50.18 -3.16 1.14
N ILE E 443 -50.03 -4.07 2.11
CA ILE E 443 -51.01 -5.11 2.36
C ILE E 443 -51.37 -5.11 3.85
N VAL E 444 -52.39 -5.90 4.19
CA VAL E 444 -52.78 -6.12 5.58
C VAL E 444 -52.59 -7.59 5.92
N ARG E 445 -51.42 -7.93 6.47
CA ARG E 445 -51.15 -9.29 6.92
C ARG E 445 -51.97 -9.52 8.19
N GLY E 446 -52.99 -10.37 8.10
CA GLY E 446 -53.90 -10.53 9.21
C GLY E 446 -54.64 -9.24 9.50
N ASN E 447 -54.28 -8.59 10.61
CA ASN E 447 -54.84 -7.28 10.95
C ASN E 447 -53.75 -6.22 11.05
N GLU E 448 -52.53 -6.52 10.60
CA GLU E 448 -51.38 -5.61 10.72
C GLU E 448 -51.03 -5.09 9.32
N SER E 449 -51.01 -3.78 9.17
CA SER E 449 -50.64 -3.18 7.88
C SER E 449 -49.14 -3.22 7.69
N ILE E 450 -48.69 -3.87 6.61
CA ILE E 450 -47.26 -3.99 6.32
C ILE E 450 -46.98 -3.60 4.88
N TYR E 451 -45.70 -3.40 4.56
CA TYR E 451 -45.23 -2.94 3.26
C TYR E 451 -44.31 -4.02 2.70
N LEU E 452 -44.72 -4.66 1.60
CA LEU E 452 -43.87 -5.64 0.92
C LEU E 452 -43.27 -4.95 -0.31
N LEU E 453 -41.95 -5.00 -0.42
CA LEU E 453 -41.28 -4.32 -1.51
C LEU E 453 -40.77 -5.33 -2.55
N MET E 454 -40.97 -4.98 -3.81
CA MET E 454 -40.48 -5.76 -4.94
C MET E 454 -39.52 -4.93 -5.77
N ARG E 455 -39.07 -5.47 -6.90
CA ARG E 455 -38.09 -4.78 -7.73
C ARG E 455 -38.67 -4.46 -9.11
N SER F 365 19.42 -46.64 32.97
CA SER F 365 19.50 -45.77 31.80
C SER F 365 18.10 -45.37 31.31
N ALA F 366 17.39 -44.60 32.13
CA ALA F 366 16.06 -44.16 31.78
C ALA F 366 16.11 -43.23 30.57
N SER F 367 15.21 -43.45 29.61
CA SER F 367 15.17 -42.63 28.41
C SER F 367 14.75 -41.21 28.74
N ALA F 368 15.34 -40.24 28.02
CA ALA F 368 14.98 -38.85 28.20
C ALA F 368 13.70 -38.46 27.45
N GLU F 369 13.17 -39.35 26.62
CA GLU F 369 11.95 -39.05 25.88
C GLU F 369 10.77 -38.86 26.83
N MET F 370 10.68 -39.71 27.86
CA MET F 370 9.55 -39.65 28.78
C MET F 370 9.67 -38.51 29.79
N ILE F 371 10.80 -37.81 29.84
CA ILE F 371 10.90 -36.62 30.68
C ILE F 371 10.26 -35.43 29.98
N THR F 372 10.61 -35.21 28.72
CA THR F 372 10.06 -34.12 27.93
C THR F 372 10.23 -34.45 26.46
N PRO F 373 9.30 -34.03 25.60
CA PRO F 373 9.46 -34.30 24.16
C PRO F 373 10.72 -33.73 23.55
N ALA F 374 11.21 -32.60 24.08
CA ALA F 374 12.41 -31.98 23.51
C ALA F 374 13.64 -32.86 23.69
N LEU F 375 13.69 -33.68 24.74
CA LEU F 375 14.81 -34.56 25.01
C LEU F 375 14.71 -35.90 24.28
N GLU F 376 13.91 -35.96 23.22
CA GLU F 376 13.73 -37.21 22.50
C GLU F 376 15.03 -37.63 21.81
N GLY F 377 15.32 -38.94 21.87
CA GLY F 377 16.46 -39.49 21.18
C GLY F 377 17.76 -39.54 21.95
N ALA F 378 17.73 -39.24 23.25
CA ALA F 378 18.92 -39.25 24.07
C ALA F 378 18.70 -40.16 25.27
N THR F 379 19.72 -40.95 25.61
CA THR F 379 19.66 -41.83 26.77
C THR F 379 20.52 -41.25 27.89
N LEU F 380 19.98 -41.24 29.10
CA LEU F 380 20.62 -40.65 30.26
C LEU F 380 20.91 -41.73 31.31
N SER F 381 22.07 -41.60 31.96
CA SER F 381 22.46 -42.52 33.02
C SER F 381 23.10 -41.72 34.14
N ASP F 382 22.98 -42.23 35.36
CA ASP F 382 23.50 -41.55 36.54
C ASP F 382 24.92 -42.00 36.82
N GLY F 383 25.85 -41.06 36.84
CA GLY F 383 27.23 -41.32 37.20
C GLY F 383 27.74 -40.36 38.24
N GLN F 384 29.00 -39.95 38.13
CA GLN F 384 29.58 -38.97 39.04
C GLN F 384 30.58 -38.10 38.29
N LEU F 385 30.81 -36.91 38.82
CA LEU F 385 31.77 -36.00 38.22
C LEU F 385 33.20 -36.44 38.52
N LYS F 386 34.16 -35.72 37.91
CA LYS F 386 35.57 -36.01 38.17
C LYS F 386 35.93 -35.76 39.63
N ASP F 387 35.40 -34.69 40.21
CA ASP F 387 35.67 -34.33 41.60
C ASP F 387 34.64 -34.92 42.56
N GLY F 388 33.94 -35.98 42.15
CA GLY F 388 32.99 -36.65 43.00
C GLY F 388 31.57 -36.10 42.97
N GLY F 389 31.34 -34.99 42.27
CA GLY F 389 30.01 -34.43 42.16
C GLY F 389 29.02 -35.37 41.51
N LYS F 390 27.84 -35.51 42.11
CA LYS F 390 26.81 -36.38 41.57
C LYS F 390 26.14 -35.72 40.37
N GLY F 391 26.03 -36.46 39.27
CA GLY F 391 25.46 -35.92 38.06
C GLY F 391 24.84 -37.01 37.21
N ILE F 392 24.62 -36.66 35.95
CA ILE F 392 24.00 -37.56 34.97
C ILE F 392 24.92 -37.68 33.78
N LYS F 393 25.14 -38.92 33.32
CA LYS F 393 26.00 -39.19 32.18
C LYS F 393 25.15 -39.39 30.94
N ILE F 394 25.51 -38.72 29.85
CA ILE F 394 24.83 -38.87 28.58
C ILE F 394 25.55 -39.96 27.79
N ASP F 395 24.82 -41.03 27.45
CA ASP F 395 25.44 -42.17 26.79
C ASP F 395 25.35 -42.10 25.28
N GLU F 396 24.18 -41.77 24.73
CA GLU F 396 24.01 -41.76 23.29
C GLU F 396 22.85 -40.86 22.91
N VAL F 397 23.07 -40.00 21.91
CA VAL F 397 22.03 -39.20 21.29
C VAL F 397 22.03 -39.50 19.80
N VAL F 398 20.86 -39.88 19.27
CA VAL F 398 20.76 -40.22 17.86
C VAL F 398 20.85 -38.97 17.00
N LYS F 399 21.49 -39.10 15.85
CA LYS F 399 21.62 -37.97 14.94
C LYS F 399 20.26 -37.58 14.35
N GLY F 400 20.02 -36.28 14.27
CA GLY F 400 18.78 -35.76 13.74
C GLY F 400 17.69 -35.53 14.76
N SER F 401 17.86 -36.03 15.99
CA SER F 401 16.88 -35.81 17.04
C SER F 401 16.96 -34.37 17.53
N PRO F 402 15.88 -33.85 18.11
CA PRO F 402 15.95 -32.50 18.71
C PRO F 402 17.01 -32.38 19.79
N ALA F 403 17.26 -33.46 20.54
CA ALA F 403 18.34 -33.43 21.53
C ALA F 403 19.69 -33.24 20.86
N ALA F 404 19.92 -33.93 19.74
CA ALA F 404 21.14 -33.70 18.96
C ALA F 404 21.17 -32.29 18.39
N GLN F 405 20.03 -31.81 17.91
CA GLN F 405 19.93 -30.44 17.41
C GLN F 405 20.15 -29.41 18.52
N ALA F 406 19.98 -29.80 19.78
CA ALA F 406 20.21 -28.90 20.90
C ALA F 406 21.66 -28.82 21.32
N GLY F 407 22.55 -29.55 20.65
CA GLY F 407 23.96 -29.57 21.00
C GLY F 407 24.34 -30.60 22.03
N LEU F 408 23.41 -31.42 22.48
CA LEU F 408 23.74 -32.46 23.45
C LEU F 408 24.56 -33.55 22.78
N GLN F 409 25.68 -33.91 23.40
CA GLN F 409 26.61 -34.90 22.86
C GLN F 409 27.00 -35.88 23.95
N LYS F 410 27.85 -36.85 23.58
CA LYS F 410 28.32 -37.84 24.52
C LYS F 410 29.30 -37.22 25.51
N ASP F 411 29.47 -37.88 26.65
CA ASP F 411 30.36 -37.50 27.75
C ASP F 411 29.90 -36.22 28.45
N ASP F 412 28.73 -35.69 28.11
CA ASP F 412 28.21 -34.53 28.83
C ASP F 412 27.78 -34.94 30.24
N VAL F 413 28.10 -34.10 31.21
CA VAL F 413 27.83 -34.37 32.63
C VAL F 413 26.84 -33.33 33.13
N ILE F 414 25.62 -33.77 33.44
CA ILE F 414 24.60 -32.85 33.91
C ILE F 414 24.91 -32.45 35.34
N ILE F 415 25.10 -31.15 35.56
CA ILE F 415 25.38 -30.63 36.90
C ILE F 415 24.34 -29.62 37.37
N GLY F 416 23.47 -29.12 36.49
CA GLY F 416 22.44 -28.22 36.95
C GLY F 416 21.26 -28.21 36.01
N VAL F 417 20.09 -27.92 36.56
CA VAL F 417 18.85 -27.78 35.81
C VAL F 417 18.28 -26.39 36.10
N ASN F 418 18.42 -25.49 35.13
CA ASN F 418 18.17 -24.06 35.34
C ASN F 418 18.88 -23.59 36.60
N ARG F 419 18.12 -23.36 37.68
CA ARG F 419 18.69 -22.91 38.94
C ARG F 419 18.90 -24.06 39.90
N ASP F 420 17.91 -24.93 40.08
CA ASP F 420 17.98 -25.98 41.09
C ASP F 420 19.10 -26.96 40.78
N ARG F 421 19.86 -27.31 41.80
CA ARG F 421 20.93 -28.29 41.68
C ARG F 421 20.37 -29.70 41.83
N VAL F 422 20.80 -30.61 40.94
CA VAL F 422 20.27 -31.96 40.90
C VAL F 422 21.41 -32.96 41.06
N ASN F 423 21.05 -34.15 41.52
CA ASN F 423 22.00 -35.25 41.66
C ASN F 423 21.53 -36.56 41.03
N SER F 424 20.22 -36.79 40.90
CA SER F 424 19.69 -37.99 40.30
C SER F 424 18.64 -37.61 39.25
N ILE F 425 18.14 -38.61 38.53
CA ILE F 425 17.15 -38.36 37.49
C ILE F 425 15.83 -37.86 38.09
N ALA F 426 15.48 -38.33 39.29
CA ALA F 426 14.19 -38.00 39.86
C ALA F 426 14.08 -36.52 40.20
N GLU F 427 15.18 -35.91 40.66
CA GLU F 427 15.14 -34.50 41.04
C GLU F 427 14.82 -33.61 39.85
N MET F 428 15.57 -33.77 38.76
CA MET F 428 15.27 -32.99 37.56
C MET F 428 13.93 -33.38 36.97
N ARG F 429 13.51 -34.63 37.17
CA ARG F 429 12.20 -35.04 36.69
C ARG F 429 11.08 -34.26 37.38
N LYS F 430 11.15 -34.15 38.71
CA LYS F 430 10.12 -33.38 39.40
C LYS F 430 10.28 -31.89 39.17
N VAL F 431 11.50 -31.42 38.88
CA VAL F 431 11.67 -30.03 38.50
C VAL F 431 10.96 -29.74 37.18
N LEU F 432 11.10 -30.64 36.21
CA LEU F 432 10.46 -30.49 34.90
C LEU F 432 8.98 -30.87 34.91
N ALA F 433 8.49 -31.51 35.97
CA ALA F 433 7.08 -31.85 36.04
C ALA F 433 6.19 -30.62 35.93
N ALA F 434 6.69 -29.45 36.34
CA ALA F 434 5.95 -28.21 36.16
C ALA F 434 5.86 -27.78 34.70
N LYS F 435 6.64 -28.40 33.81
CA LYS F 435 6.66 -28.11 32.39
C LYS F 435 6.95 -26.64 32.10
N PRO F 436 8.16 -26.17 32.37
CA PRO F 436 8.51 -24.79 31.99
C PRO F 436 8.50 -24.63 30.48
N ALA F 437 8.13 -23.42 30.03
CA ALA F 437 8.04 -23.16 28.60
C ALA F 437 9.40 -23.29 27.92
N ILE F 438 10.44 -22.74 28.55
CA ILE F 438 11.81 -22.83 28.04
C ILE F 438 12.66 -23.44 29.14
N ILE F 439 13.43 -24.47 28.79
CA ILE F 439 14.14 -25.30 29.76
C ILE F 439 15.64 -25.08 29.59
N ALA F 440 16.34 -24.93 30.71
CA ALA F 440 17.76 -24.67 30.76
C ALA F 440 18.48 -25.85 31.40
N LEU F 441 19.73 -26.09 30.99
CA LEU F 441 20.54 -27.19 31.48
C LEU F 441 21.98 -26.75 31.55
N GLN F 442 22.56 -26.80 32.75
CA GLN F 442 23.95 -26.41 32.96
C GLN F 442 24.82 -27.66 32.97
N ILE F 443 25.78 -27.72 32.03
CA ILE F 443 26.57 -28.89 31.73
C ILE F 443 28.04 -28.52 31.97
N VAL F 444 28.87 -29.47 32.37
CA VAL F 444 30.30 -29.23 32.49
C VAL F 444 31.03 -30.17 31.55
N ARG F 445 31.83 -29.60 30.64
CA ARG F 445 32.63 -30.36 29.70
C ARG F 445 34.10 -30.06 29.94
N GLY F 446 34.89 -31.12 30.12
CA GLY F 446 36.29 -30.97 30.42
C GLY F 446 36.52 -30.21 31.71
N ASN F 447 37.01 -28.98 31.59
CA ASN F 447 37.19 -28.09 32.74
C ASN F 447 36.36 -26.82 32.62
N GLU F 448 35.49 -26.72 31.62
CA GLU F 448 34.69 -25.53 31.38
C GLU F 448 33.21 -25.85 31.57
N SER F 449 32.40 -24.80 31.65
CA SER F 449 30.97 -24.90 31.83
C SER F 449 30.25 -24.37 30.60
N ILE F 450 29.14 -25.03 30.25
CA ILE F 450 28.33 -24.63 29.11
C ILE F 450 26.86 -24.75 29.49
N TYR F 451 26.00 -24.18 28.67
CA TYR F 451 24.56 -24.18 28.93
C TYR F 451 23.81 -24.59 27.67
N LEU F 452 22.71 -25.31 27.86
CA LEU F 452 21.84 -25.75 26.78
C LEU F 452 20.43 -25.25 27.06
N LEU F 453 19.79 -24.68 26.04
CA LEU F 453 18.46 -24.13 26.16
C LEU F 453 17.57 -24.79 25.10
N MET F 454 16.51 -25.46 25.55
CA MET F 454 15.58 -26.09 24.62
C MET F 454 14.15 -25.82 25.07
N ARG F 455 13.27 -25.63 24.08
CA ARG F 455 11.87 -25.32 24.34
C ARG F 455 11.06 -26.60 24.50
N UNK G 1 4.80 -6.37 -12.80
CA UNK G 1 4.43 -5.14 -13.50
C UNK G 1 3.55 -5.44 -14.69
N UNK G 2 2.36 -4.83 -14.72
CA UNK G 2 1.43 -5.06 -15.82
C UNK G 2 0.91 -3.73 -16.38
N UNK G 3 0.93 -2.69 -15.56
CA UNK G 3 0.38 -1.38 -15.91
C UNK G 3 -1.08 -1.51 -16.34
N UNK G 4 -1.90 -1.93 -15.39
CA UNK G 4 -3.32 -2.15 -15.62
C UNK G 4 -4.06 -0.82 -15.50
N UNK G 5 -5.40 -0.86 -15.47
CA UNK G 5 -6.20 0.34 -15.37
C UNK G 5 -7.40 0.07 -14.45
N UNK G 6 -7.69 1.01 -13.57
CA UNK G 6 -8.78 0.86 -12.63
C UNK G 6 -10.13 1.06 -13.30
N UNK G 7 -10.85 -0.04 -13.55
CA UNK G 7 -12.11 0.06 -14.27
C UNK G 7 -13.31 -0.35 -13.41
N UNK G 8 -13.27 -1.55 -12.84
CA UNK G 8 -14.43 -2.10 -12.14
C UNK G 8 -14.32 -1.93 -10.63
N UNK G 9 -15.24 -2.55 -9.89
CA UNK G 9 -15.20 -2.52 -8.44
C UNK G 9 -14.13 -3.46 -7.90
N UNK H 1 -13.37 -8.14 -2.43
CA UNK H 1 -13.49 -9.21 -1.45
C UNK H 1 -13.80 -8.65 -0.07
N UNK H 2 -13.52 -9.46 0.96
CA UNK H 2 -13.73 -9.06 2.35
C UNK H 2 -13.03 -10.03 3.28
N UNK H 3 -12.25 -9.53 4.23
CA UNK H 3 -11.51 -10.39 5.15
C UNK H 3 -11.36 -9.68 6.49
N UNK H 4 -10.71 -10.36 7.43
CA UNK H 4 -10.44 -9.80 8.75
C UNK H 4 -9.09 -10.31 9.23
N UNK H 5 -8.30 -9.39 9.79
CA UNK H 5 -6.95 -9.75 10.23
C UNK H 5 -7.02 -10.67 11.45
N UNK H 6 -6.33 -11.80 11.35
CA UNK H 6 -6.26 -12.74 12.47
C UNK H 6 -4.87 -13.34 12.62
N UNK H 7 -3.93 -12.87 11.80
CA UNK H 7 -2.56 -13.41 11.76
C UNK H 7 -2.57 -14.92 11.52
N UNK I 1 8.15 -13.77 2.91
CA UNK I 1 8.91 -13.76 4.16
C UNK I 1 10.22 -13.02 4.01
N UNK I 2 10.14 -11.68 4.02
CA UNK I 2 11.31 -10.82 3.92
C UNK I 2 12.13 -11.11 2.67
N UNK I 3 11.54 -10.87 1.50
CA UNK I 3 12.20 -11.09 0.22
C UNK I 3 12.81 -9.79 -0.26
N UNK I 4 14.09 -9.84 -0.61
CA UNK I 4 14.81 -8.64 -1.03
C UNK I 4 14.30 -8.14 -2.37
N UNK I 5 14.40 -6.82 -2.57
CA UNK I 5 13.99 -6.22 -3.83
C UNK I 5 15.00 -6.57 -4.93
N UNK I 6 14.53 -7.27 -5.96
CA UNK I 6 15.43 -7.77 -6.99
C UNK I 6 15.54 -6.82 -8.18
N UNK I 7 14.42 -6.55 -8.84
CA UNK I 7 14.42 -5.71 -10.04
C UNK I 7 13.03 -5.17 -10.34
#